data_8H4U
#
_entry.id   8H4U
#
_cell.length_a   1.00
_cell.length_b   1.00
_cell.length_c   1.00
_cell.angle_alpha   90.00
_cell.angle_beta   90.00
_cell.angle_gamma   90.00
#
_symmetry.space_group_name_H-M   'P 1'
#
_entity_poly.entity_id   1
_entity_poly.type   'polypeptide(L)'
_entity_poly.pdbx_seq_one_letter_code
;MKITKRKWGEHHPPLYFYRDEDSGRLLAQNDRKQDYTDTLFNDIAQDTFERSLRNRLLKTPEKGDKRFYSNEIVKLVEKL
CQGADVAEIMKSMERNEKLRPKNEKEIKNLKKQLDGTLSEYGKRYTAPEGAMTLNDALFYLVEGNPLKQAMAKAELGKIR
EALIKEKENRINRVRYSIKNNKIPLRIQEDGGITPNNDRAAWLLGLMKPADPAKGITDCYPLLGELEEVFDFDKLSKTLH
EKISRCQGRPRSIAMAVDEALKQYLRELWEKSPSRQQDLKYYFQAVQEYFKDNFPIRTKRMGARLRQELLKDKTSLSRLL
EPKHMANAVRRRLINQSTQMHILYGKLYAYCCGEDGRLLVNSETLQRIQVHEAVKKQAMTAVLWSISRLRYFYQFEDGDI
LSNKNPIKDFRDKFLRDTNKYTHEDVEACKEKLQDFFPLKELQEKIKEDAKGLQETDNKQADTTDFKAIGHIVRDDRKLC
NQLLAECVSCIGELRHHIFHYKNVTLIQALKRIADKVKPEDLSVLRAIYLLDRRNLKKAFAKRISSMNLPLYYREDLLSR
IFKKEGTAFFLYSAKIQMTPSFQRVYERGKNLRREFECERMKAEASNGQNGQDGDRLKWFRQLAAGDSADTHFNWAVEAY
AESAADVENNVEFDTDVDAQRALRNLLLLIYRHHFLPEVQKDETLVTGKIHKVLERNRQLSEGQGPNQGKAHGYSVIEEL
YHEGMPLSDLMKQLQRRISETERESRELAQEKTDYAQRFILDIFAEAFNDFLEAHYGEEYLEIMSPRKDAEAAKKWVKES
KTVDLKTSIDEKEPEGHLLVLYPVLRLLDERELGELQQQMIRYRTSLASWQGESNFSEEIRIAGQIEELTELVKLTEPEP
QFAEEVWGKRAKEAFEDFIEGNMKNYEAFYLQSDNNTPVYRRNMSRLLRSGLMGVYQKVLASHKQALKRDYLLWSEKHWN
VKDENGADISSAEQAQCLLQRLHRKYAESPSRFTEEDCKLYEKVLRRLEDYNQAVKNLSFSSLYEICVLNLEILSRWVGF
VQDWERDMYFLLLAWVRQGKLDGIKEEDVRDIFSEGNIIRNLVDTLKGENMNAFESVYFPENKGSKYLGVRNDVAHLDLM
RKNGWRLEAGKTCSVMEDYINRLRFLLSYDQKRMNAVTKTLQQIFDRHKVKIRFTVEKGGMLKIEDVTADKIVHLKGSRL
SGIEIPSHGERFIDTLKALMVYPRG
;
_entity_poly.pdbx_strand_id   A
#
# COMPACT_ATOMS: atom_id res chain seq x y z
N LYS A 182 -8.55 24.96 19.90
CA LYS A 182 -9.98 24.86 19.64
C LYS A 182 -10.25 24.50 18.18
N ILE A 183 -11.24 23.65 17.96
CA ILE A 183 -11.65 23.30 16.59
C ILE A 183 -12.23 24.55 15.92
N PRO A 184 -11.83 24.87 14.69
CA PRO A 184 -12.29 26.12 14.05
C PRO A 184 -13.78 26.15 13.77
N LEU A 185 -14.53 25.09 14.05
CA LEU A 185 -15.97 25.06 13.82
C LEU A 185 -16.68 24.50 15.05
N ARG A 186 -17.88 25.01 15.31
CA ARG A 186 -18.69 24.58 16.44
C ARG A 186 -20.07 24.18 15.95
N ILE A 187 -20.53 23.01 16.39
CA ILE A 187 -21.80 22.45 15.94
C ILE A 187 -22.91 22.97 16.84
N GLN A 188 -23.90 23.61 16.25
CA GLN A 188 -24.99 24.22 16.98
C GLN A 188 -26.10 23.19 17.24
N GLU A 189 -27.03 23.57 18.12
CA GLU A 189 -28.10 22.66 18.51
C GLU A 189 -29.16 22.53 17.41
N ASP A 190 -29.33 23.57 16.60
CA ASP A 190 -30.38 23.59 15.59
C ASP A 190 -29.95 22.95 14.27
N GLY A 191 -28.75 22.38 14.21
CA GLY A 191 -28.26 21.73 13.01
C GLY A 191 -27.22 22.52 12.24
N GLY A 192 -27.09 23.82 12.51
CA GLY A 192 -26.08 24.61 11.84
C GLY A 192 -24.72 24.48 12.48
N ILE A 193 -23.72 25.02 11.79
CA ILE A 193 -22.33 25.05 12.27
C ILE A 193 -21.81 26.46 12.13
N THR A 194 -21.18 26.96 13.19
CA THR A 194 -20.67 28.32 13.20
C THR A 194 -19.15 28.34 13.34
N PRO A 195 -18.46 29.22 12.63
CA PRO A 195 -17.00 29.31 12.80
C PRO A 195 -16.65 29.71 14.23
N ASN A 196 -15.56 29.13 14.73
CA ASN A 196 -15.11 29.37 16.09
C ASN A 196 -14.01 30.42 16.17
N ASN A 197 -13.71 31.10 15.05
CA ASN A 197 -12.66 32.10 15.03
C ASN A 197 -12.92 33.04 13.85
N ASP A 198 -12.30 34.22 13.92
CA ASP A 198 -12.44 35.18 12.84
C ASP A 198 -11.83 34.65 11.55
N ARG A 199 -10.68 33.97 11.65
CA ARG A 199 -10.05 33.38 10.48
C ARG A 199 -10.95 32.32 9.84
N ALA A 200 -11.60 31.49 10.66
CA ALA A 200 -12.48 30.46 10.13
C ALA A 200 -13.64 31.08 9.35
N ALA A 201 -14.27 32.11 9.91
CA ALA A 201 -15.38 32.77 9.22
C ALA A 201 -14.90 33.46 7.94
N TRP A 202 -13.73 34.11 8.00
CA TRP A 202 -13.20 34.77 6.82
C TRP A 202 -12.94 33.76 5.70
N LEU A 203 -12.37 32.61 6.03
CA LEU A 203 -12.13 31.58 5.03
C LEU A 203 -13.43 30.96 4.53
N LEU A 204 -14.44 30.84 5.41
CA LEU A 204 -15.74 30.32 5.00
C LEU A 204 -16.44 31.25 4.01
N GLY A 205 -16.39 32.56 4.23
CA GLY A 205 -17.08 33.52 3.38
C GLY A 205 -16.32 34.00 2.17
N LEU A 206 -15.14 33.44 1.88
CA LEU A 206 -14.35 33.93 0.75
C LEU A 206 -15.02 33.62 -0.58
N MET A 207 -15.57 32.41 -0.73
CA MET A 207 -16.09 31.96 -2.01
C MET A 207 -17.50 32.49 -2.23
N LYS A 208 -17.72 33.10 -3.39
CA LYS A 208 -19.03 33.62 -3.78
C LYS A 208 -19.18 33.48 -5.28
N PRO A 209 -19.91 32.48 -5.74
CA PRO A 209 -19.97 32.19 -7.18
C PRO A 209 -20.61 33.31 -7.97
N ALA A 210 -20.13 33.47 -9.21
CA ALA A 210 -20.67 34.45 -10.14
C ALA A 210 -20.91 33.78 -11.48
N ASP A 211 -22.09 34.03 -12.05
CA ASP A 211 -22.44 33.45 -13.33
C ASP A 211 -21.68 34.14 -14.45
N PRO A 212 -21.41 33.44 -15.56
CA PRO A 212 -20.76 34.10 -16.71
C PRO A 212 -21.61 35.19 -17.33
N ALA A 213 -22.92 35.20 -17.10
CA ALA A 213 -23.76 36.28 -17.60
C ALA A 213 -23.37 37.61 -16.96
N LYS A 214 -23.09 37.61 -15.65
CA LYS A 214 -22.64 38.81 -14.98
C LYS A 214 -21.20 39.13 -15.37
N GLY A 215 -20.81 40.38 -15.11
CA GLY A 215 -19.46 40.80 -15.46
C GLY A 215 -18.38 40.07 -14.68
N ILE A 216 -18.67 39.73 -13.43
CA ILE A 216 -17.68 39.08 -12.58
C ILE A 216 -17.43 37.67 -13.07
N THR A 217 -16.16 37.32 -13.25
CA THR A 217 -15.74 35.99 -13.66
C THR A 217 -14.83 35.36 -12.61
N ASP A 218 -14.72 35.98 -11.44
CA ASP A 218 -13.86 35.52 -10.36
C ASP A 218 -14.73 35.00 -9.23
N CYS A 219 -14.46 33.78 -8.77
CA CYS A 219 -15.21 33.21 -7.66
C CYS A 219 -14.77 33.77 -6.31
N TYR A 220 -13.70 34.56 -6.27
CA TYR A 220 -13.19 35.15 -5.04
C TYR A 220 -12.95 36.64 -5.28
N PRO A 221 -14.03 37.43 -5.38
CA PRO A 221 -13.87 38.87 -5.67
C PRO A 221 -13.09 39.62 -4.60
N LEU A 222 -13.15 39.18 -3.34
CA LEU A 222 -12.37 39.81 -2.28
C LEU A 222 -10.89 39.72 -2.57
N LEU A 223 -10.44 38.56 -3.07
CA LEU A 223 -9.04 38.41 -3.47
C LEU A 223 -8.69 39.36 -4.61
N GLY A 224 -9.61 39.55 -5.55
CA GLY A 224 -9.38 40.51 -6.62
C GLY A 224 -9.22 41.93 -6.11
N GLU A 225 -10.10 42.35 -5.19
CA GLU A 225 -9.98 43.67 -4.60
C GLU A 225 -8.67 43.83 -3.85
N LEU A 226 -8.26 42.79 -3.11
CA LEU A 226 -7.00 42.86 -2.38
C LEU A 226 -5.80 42.93 -3.31
N GLU A 227 -5.78 42.15 -4.39
CA GLU A 227 -4.64 42.20 -5.30
C GLU A 227 -4.62 43.52 -6.06
N GLU A 228 -5.79 44.12 -6.28
CA GLU A 228 -5.83 45.49 -6.79
C GLU A 228 -5.21 46.45 -5.78
N VAL A 229 -5.54 46.29 -4.50
CA VAL A 229 -4.94 47.12 -3.46
C VAL A 229 -3.45 46.82 -3.30
N PHE A 230 -3.09 45.54 -3.22
CA PHE A 230 -1.71 45.13 -2.99
C PHE A 230 -0.93 45.24 -4.29
N ASP A 231 -0.10 46.27 -4.40
CA ASP A 231 0.69 46.50 -5.61
C ASP A 231 1.94 45.62 -5.55
N PHE A 232 1.99 44.62 -6.43
CA PHE A 232 3.13 43.71 -6.43
C PHE A 232 4.29 44.23 -7.26
N ASP A 233 4.02 45.16 -8.18
CA ASP A 233 5.09 45.72 -9.01
C ASP A 233 6.09 46.49 -8.17
N LYS A 234 5.60 47.34 -7.27
CA LYS A 234 6.49 48.09 -6.39
C LYS A 234 7.23 47.15 -5.45
N LEU A 235 6.56 46.09 -4.98
CA LEU A 235 7.24 45.09 -4.16
C LEU A 235 8.41 44.47 -4.92
N SER A 236 8.17 44.04 -6.16
CA SER A 236 9.23 43.42 -6.95
C SER A 236 10.37 44.40 -7.21
N LYS A 237 10.06 45.64 -7.56
CA LYS A 237 11.10 46.62 -7.84
C LYS A 237 11.94 46.90 -6.60
N THR A 238 11.28 47.12 -5.45
CA THR A 238 12.01 47.40 -4.22
C THR A 238 12.87 46.21 -3.81
N LEU A 239 12.34 44.99 -3.95
CA LEU A 239 13.13 43.81 -3.57
C LEU A 239 14.31 43.63 -4.51
N HIS A 240 14.14 43.92 -5.80
CA HIS A 240 15.26 43.85 -6.74
C HIS A 240 16.33 44.86 -6.38
N GLU A 241 15.93 46.09 -6.04
CA GLU A 241 16.90 47.10 -5.64
C GLU A 241 17.64 46.69 -4.37
N LYS A 242 16.91 46.11 -3.40
CA LYS A 242 17.55 45.65 -2.18
C LYS A 242 18.52 44.51 -2.44
N ILE A 243 18.14 43.58 -3.32
CA ILE A 243 19.00 42.44 -3.65
C ILE A 243 20.25 42.89 -4.39
N SER A 244 20.13 43.92 -5.22
CA SER A 244 21.26 44.37 -6.04
C SER A 244 22.49 44.69 -5.21
N ARG A 245 22.30 45.12 -3.96
CA ARG A 245 23.42 45.42 -3.07
C ARG A 245 23.86 44.23 -2.22
N CYS A 246 23.26 43.06 -2.41
CA CYS A 246 23.62 41.88 -1.64
C CYS A 246 24.74 41.07 -2.28
N GLN A 247 25.16 41.40 -3.50
CA GLN A 247 26.27 40.74 -4.18
C GLN A 247 26.00 39.25 -4.39
N GLY A 248 24.73 38.87 -4.52
CA GLY A 248 24.38 37.50 -4.85
C GLY A 248 24.41 36.52 -3.70
N ARG A 249 24.66 36.96 -2.48
CA ARG A 249 24.71 36.04 -1.35
C ARG A 249 23.30 35.59 -0.98
N PRO A 250 23.01 34.28 -0.98
CA PRO A 250 21.63 33.85 -0.68
C PRO A 250 21.13 34.29 0.67
N ARG A 251 21.99 34.26 1.70
CA ARG A 251 21.57 34.67 3.03
C ARG A 251 21.31 36.17 3.09
N SER A 252 22.22 36.96 2.49
CA SER A 252 22.01 38.41 2.43
C SER A 252 20.76 38.74 1.63
N ILE A 253 20.54 38.03 0.52
CA ILE A 253 19.33 38.24 -0.27
C ILE A 253 18.09 37.95 0.58
N ALA A 254 18.10 36.85 1.32
CA ALA A 254 16.95 36.49 2.15
C ALA A 254 16.67 37.56 3.20
N MET A 255 17.72 38.05 3.86
CA MET A 255 17.52 39.12 4.84
C MET A 255 16.98 40.39 4.19
N ALA A 256 17.51 40.74 3.01
CA ALA A 256 17.02 41.95 2.34
C ALA A 256 15.55 41.84 2.00
N VAL A 257 15.14 40.69 1.43
CA VAL A 257 13.73 40.48 1.10
C VAL A 257 12.87 40.56 2.35
N ASP A 258 13.32 39.95 3.45
CA ASP A 258 12.44 39.97 4.63
C ASP A 258 12.33 41.37 5.24
N GLU A 259 13.42 42.14 5.30
CA GLU A 259 13.29 43.49 5.87
C GLU A 259 12.40 44.35 4.99
N ALA A 260 12.62 44.33 3.66
CA ALA A 260 11.77 45.13 2.78
C ALA A 260 10.33 44.65 2.82
N LEU A 261 10.13 43.35 2.98
CA LEU A 261 8.80 42.79 3.13
C LEU A 261 8.10 43.39 4.34
N LYS A 262 8.76 43.36 5.50
CA LYS A 262 8.13 43.91 6.70
C LYS A 262 7.87 45.40 6.57
N GLN A 263 8.82 46.14 5.99
CA GLN A 263 8.61 47.57 5.78
C GLN A 263 7.36 47.81 4.94
N TYR A 264 7.28 47.16 3.77
CA TYR A 264 6.20 47.41 2.84
C TYR A 264 4.86 47.02 3.44
N LEU A 265 4.82 45.87 4.12
CA LEU A 265 3.62 45.47 4.83
C LEU A 265 3.20 46.52 5.84
N ARG A 266 4.18 47.14 6.52
CA ARG A 266 3.81 48.09 7.57
C ARG A 266 3.21 49.38 6.99
N GLU A 267 3.77 49.92 5.90
CA GLU A 267 3.05 51.13 5.42
C GLU A 267 1.74 50.76 4.76
N LEU A 268 1.64 49.56 4.17
CA LEU A 268 0.36 49.13 3.65
C LEU A 268 -0.68 49.02 4.75
N TRP A 269 -0.28 48.54 5.93
CA TRP A 269 -1.19 48.49 7.07
C TRP A 269 -1.54 49.90 7.55
N GLU A 270 -0.56 50.81 7.54
CA GLU A 270 -0.78 52.14 8.11
C GLU A 270 -1.69 52.98 7.24
N LYS A 271 -1.51 52.96 5.92
CA LYS A 271 -2.33 53.78 5.03
C LYS A 271 -3.65 53.15 4.65
N SER A 272 -3.95 51.94 5.11
CA SER A 272 -5.21 51.27 4.79
C SER A 272 -5.92 50.87 6.08
N PRO A 273 -6.69 51.78 6.66
CA PRO A 273 -7.39 51.47 7.92
C PRO A 273 -8.73 50.78 7.72
N SER A 274 -9.35 50.99 6.55
CA SER A 274 -10.71 50.53 6.32
C SER A 274 -10.82 49.04 6.03
N ARG A 275 -9.71 48.38 5.70
CA ARG A 275 -9.74 46.97 5.30
C ARG A 275 -8.77 46.12 6.12
N GLN A 276 -8.45 46.55 7.34
CA GLN A 276 -7.35 45.94 8.08
C GLN A 276 -7.57 44.44 8.32
N GLN A 277 -8.83 44.04 8.51
CA GLN A 277 -9.11 42.64 8.83
C GLN A 277 -8.69 41.71 7.70
N ASP A 278 -9.02 42.07 6.45
CA ASP A 278 -8.63 41.25 5.30
C ASP A 278 -7.14 41.34 5.03
N LEU A 279 -6.58 42.56 5.14
CA LEU A 279 -5.15 42.72 4.94
C LEU A 279 -4.34 41.88 5.92
N LYS A 280 -4.83 41.69 7.14
CA LYS A 280 -4.09 40.88 8.11
C LYS A 280 -3.82 39.48 7.55
N TYR A 281 -4.88 38.81 7.09
CA TYR A 281 -4.71 37.48 6.51
C TYR A 281 -3.93 37.53 5.21
N TYR A 282 -4.06 38.62 4.45
CA TYR A 282 -3.31 38.70 3.19
C TYR A 282 -1.80 38.80 3.44
N PHE A 283 -1.38 39.63 4.39
CA PHE A 283 0.03 39.64 4.74
C PHE A 283 0.46 38.33 5.38
N GLN A 284 -0.43 37.66 6.11
CA GLN A 284 -0.10 36.32 6.59
C GLN A 284 0.25 35.40 5.44
N ALA A 285 -0.58 35.42 4.38
CA ALA A 285 -0.35 34.55 3.24
C ALA A 285 0.94 34.90 2.51
N VAL A 286 1.17 36.19 2.27
CA VAL A 286 2.38 36.58 1.52
C VAL A 286 3.63 36.28 2.35
N GLN A 287 3.56 36.47 3.67
CA GLN A 287 4.68 36.12 4.53
C GLN A 287 4.95 34.62 4.49
N GLU A 288 3.89 33.81 4.51
CA GLU A 288 4.08 32.37 4.39
C GLU A 288 4.74 32.01 3.07
N TYR A 289 4.31 32.63 1.97
CA TYR A 289 4.90 32.36 0.67
C TYR A 289 6.38 32.71 0.65
N PHE A 290 6.72 33.92 1.11
CA PHE A 290 8.11 34.37 1.05
C PHE A 290 9.00 33.60 2.03
N LYS A 291 8.45 33.16 3.16
CA LYS A 291 9.20 32.30 4.05
C LYS A 291 9.44 30.92 3.42
N ASP A 292 8.46 30.41 2.69
CA ASP A 292 8.63 29.13 2.01
C ASP A 292 9.70 29.23 0.92
N ASN A 293 9.68 30.32 0.14
CA ASN A 293 10.61 30.42 -0.99
C ASN A 293 11.95 31.01 -0.58
N PHE A 294 11.96 31.99 0.34
CA PHE A 294 13.19 32.64 0.82
C PHE A 294 13.34 32.29 2.30
N PRO A 295 13.93 31.14 2.61
CA PRO A 295 14.03 30.71 4.01
C PRO A 295 15.12 31.47 4.75
N ILE A 296 14.75 32.04 5.91
CA ILE A 296 15.73 32.68 6.77
C ILE A 296 16.62 31.62 7.43
N ARG A 297 16.00 30.55 7.92
CA ARG A 297 16.70 29.48 8.63
C ARG A 297 16.76 28.25 7.74
N THR A 298 17.96 27.67 7.61
CA THR A 298 18.20 26.53 6.74
C THR A 298 18.50 25.25 7.52
N LYS A 299 17.78 25.02 8.62
CA LYS A 299 17.95 23.79 9.37
C LYS A 299 17.31 22.59 8.69
N ARG A 300 16.55 22.81 7.63
CA ARG A 300 15.89 21.74 6.89
C ARG A 300 16.45 21.64 5.48
N MET A 301 16.34 20.44 4.89
CA MET A 301 16.92 20.20 3.58
C MET A 301 16.28 21.08 2.51
N GLY A 302 14.95 21.24 2.57
CA GLY A 302 14.27 22.08 1.58
C GLY A 302 14.74 23.51 1.62
N ALA A 303 14.97 24.05 2.83
CA ALA A 303 15.46 25.42 2.94
C ALA A 303 16.85 25.57 2.33
N ARG A 304 17.73 24.60 2.59
CA ARG A 304 19.07 24.64 1.99
C ARG A 304 19.00 24.54 0.47
N LEU A 305 18.13 23.68 -0.05
CA LEU A 305 17.97 23.58 -1.50
C LEU A 305 17.44 24.88 -2.09
N ARG A 306 16.51 25.53 -1.40
CA ARG A 306 15.98 26.80 -1.88
C ARG A 306 17.05 27.88 -1.87
N GLN A 307 17.88 27.92 -0.82
CA GLN A 307 18.98 28.88 -0.79
C GLN A 307 19.99 28.61 -1.88
N GLU A 308 20.26 27.34 -2.19
CA GLU A 308 21.13 27.01 -3.30
C GLU A 308 20.52 27.45 -4.63
N LEU A 309 19.21 27.25 -4.80
CA LEU A 309 18.54 27.71 -6.01
C LEU A 309 18.57 29.23 -6.13
N LEU A 310 18.62 29.93 -4.99
CA LEU A 310 18.71 31.40 -5.01
C LEU A 310 19.94 31.89 -5.75
N LYS A 311 20.98 31.07 -5.86
CA LYS A 311 22.21 31.51 -6.53
C LYS A 311 21.98 31.76 -8.02
N ASP A 312 21.15 30.95 -8.67
CA ASP A 312 20.92 31.10 -10.10
C ASP A 312 20.17 32.40 -10.39
N LYS A 313 20.67 33.18 -11.35
CA LYS A 313 20.05 34.45 -11.70
C LYS A 313 18.67 34.23 -12.31
N THR A 314 18.53 33.22 -13.19
CA THR A 314 17.25 32.96 -13.82
C THR A 314 16.19 32.55 -12.79
N SER A 315 16.58 31.73 -11.81
CA SER A 315 15.65 31.32 -10.77
C SER A 315 15.19 32.51 -9.95
N LEU A 316 16.11 33.40 -9.59
CA LEU A 316 15.74 34.59 -8.83
C LEU A 316 14.84 35.51 -9.64
N SER A 317 15.12 35.65 -10.94
CA SER A 317 14.27 36.47 -11.80
C SER A 317 12.87 35.88 -11.90
N ARG A 318 12.75 34.56 -12.04
CA ARG A 318 11.45 33.93 -12.11
C ARG A 318 10.69 34.09 -10.80
N LEU A 319 11.37 33.87 -9.67
CA LEU A 319 10.71 33.96 -8.38
C LEU A 319 10.30 35.38 -8.01
N LEU A 320 10.91 36.37 -8.65
CA LEU A 320 10.62 37.77 -8.35
C LEU A 320 9.51 38.33 -9.23
N GLU A 321 9.06 37.55 -10.20
CA GLU A 321 8.06 38.04 -11.12
C GLU A 321 6.83 38.53 -10.36
N PRO A 322 6.41 39.78 -10.64
CA PRO A 322 5.28 40.38 -9.93
C PRO A 322 4.03 39.53 -10.08
N LYS A 323 3.79 39.02 -11.28
CA LYS A 323 2.59 38.22 -11.52
C LYS A 323 2.71 36.84 -10.89
N HIS A 324 3.68 36.06 -11.33
CA HIS A 324 3.89 34.73 -10.77
C HIS A 324 3.85 34.76 -9.24
N MET A 325 4.48 35.76 -8.64
CA MET A 325 4.47 35.89 -7.19
C MET A 325 3.09 36.26 -6.64
N ALA A 326 2.22 36.82 -7.48
CA ALA A 326 0.87 37.17 -7.03
C ALA A 326 -0.08 35.99 -7.15
N ASN A 327 0.04 35.20 -8.22
CA ASN A 327 -0.83 34.04 -8.40
C ASN A 327 -0.59 33.00 -7.33
N ALA A 328 0.67 32.75 -6.98
CA ALA A 328 0.97 31.74 -5.96
C ALA A 328 0.45 32.16 -4.59
N VAL A 329 0.43 33.47 -4.31
CA VAL A 329 -0.15 33.94 -3.05
C VAL A 329 -1.66 33.70 -3.04
N ARG A 330 -2.31 33.89 -4.19
CA ARG A 330 -3.73 33.62 -4.29
C ARG A 330 -4.02 32.13 -4.11
N ARG A 331 -3.16 31.27 -4.66
CA ARG A 331 -3.40 29.83 -4.58
C ARG A 331 -3.31 29.33 -3.15
N ARG A 332 -2.37 29.85 -2.37
CA ARG A 332 -2.26 29.45 -0.97
C ARG A 332 -3.52 29.82 -0.19
N LEU A 333 -4.10 30.98 -0.50
CA LEU A 333 -5.34 31.37 0.16
C LEU A 333 -6.52 30.53 -0.32
N ILE A 334 -6.54 30.17 -1.60
CA ILE A 334 -7.63 29.35 -2.13
C ILE A 334 -7.58 27.95 -1.54
N ASN A 335 -6.38 27.37 -1.43
CA ASN A 335 -6.25 26.02 -0.89
C ASN A 335 -6.73 25.95 0.56
N GLN A 336 -6.41 26.97 1.35
CA GLN A 336 -6.85 26.98 2.74
C GLN A 336 -8.37 27.06 2.84
N SER A 337 -9.01 27.83 1.95
CA SER A 337 -10.47 27.93 1.97
C SER A 337 -11.12 26.59 1.64
N THR A 338 -10.59 25.87 0.65
CA THR A 338 -11.15 24.57 0.29
C THR A 338 -10.98 23.56 1.40
N GLN A 339 -9.79 23.52 2.04
CA GLN A 339 -9.57 22.56 3.11
C GLN A 339 -10.42 22.85 4.32
N MET A 340 -10.70 24.12 4.61
CA MET A 340 -11.55 24.45 5.74
C MET A 340 -13.01 24.12 5.45
N HIS A 341 -13.41 24.15 4.17
CA HIS A 341 -14.76 23.77 3.79
C HIS A 341 -14.98 22.27 3.87
N ILE A 342 -13.93 21.49 3.61
CA ILE A 342 -14.02 20.03 3.76
C ILE A 342 -14.28 19.66 5.22
N LEU A 343 -13.59 20.34 6.14
CA LEU A 343 -13.83 20.11 7.56
C LEU A 343 -15.29 20.34 7.93
N TYR A 344 -15.94 21.30 7.27
CA TYR A 344 -17.36 21.52 7.50
C TYR A 344 -18.18 20.30 7.09
N GLY A 345 -17.83 19.68 5.96
CA GLY A 345 -18.61 18.57 5.45
C GLY A 345 -18.58 17.35 6.36
N LYS A 346 -17.40 16.98 6.84
CA LYS A 346 -17.27 15.78 7.66
C LYS A 346 -18.01 15.93 8.99
N LEU A 347 -17.92 17.10 9.61
CA LEU A 347 -18.61 17.31 10.89
C LEU A 347 -20.12 17.20 10.72
N TYR A 348 -20.66 17.77 9.64
CA TYR A 348 -22.08 17.66 9.38
C TYR A 348 -22.49 16.25 8.97
N ALA A 349 -21.60 15.53 8.27
CA ALA A 349 -21.97 14.21 7.75
C ALA A 349 -22.05 13.18 8.88
N TYR A 350 -21.30 13.39 9.97
CA TYR A 350 -21.22 12.41 11.04
C TYR A 350 -21.92 12.85 12.31
N CYS A 351 -21.59 14.04 12.83
CA CYS A 351 -22.09 14.48 14.12
C CYS A 351 -23.36 15.31 14.02
N CYS A 352 -23.88 15.56 12.82
CA CYS A 352 -25.10 16.34 12.69
C CYS A 352 -26.06 15.77 11.64
N GLY A 353 -25.87 14.53 11.20
CA GLY A 353 -26.73 13.96 10.19
C GLY A 353 -28.17 13.79 10.64
N GLU A 354 -28.41 12.88 11.59
CA GLU A 354 -29.75 12.63 12.08
C GLU A 354 -29.90 12.91 13.57
N ASP A 355 -29.06 12.32 14.42
CA ASP A 355 -29.18 12.47 15.86
C ASP A 355 -27.81 12.59 16.53
N GLY A 356 -26.80 13.07 15.80
CA GLY A 356 -25.49 13.21 16.37
C GLY A 356 -24.85 11.90 16.78
N ARG A 357 -24.49 11.07 15.79
CA ARG A 357 -23.91 9.77 16.08
C ARG A 357 -22.69 9.88 16.98
N LEU A 358 -21.81 10.84 16.70
CA LEU A 358 -20.64 11.10 17.52
C LEU A 358 -20.79 12.46 18.19
N LEU A 359 -20.64 12.49 19.51
CA LEU A 359 -20.72 13.74 20.24
C LEU A 359 -19.56 14.65 19.87
N VAL A 360 -19.84 15.94 19.73
CA VAL A 360 -18.82 16.90 19.33
C VAL A 360 -17.84 17.11 20.48
N ASN A 361 -16.55 16.98 20.18
CA ASN A 361 -15.49 17.15 21.16
C ASN A 361 -14.18 17.32 20.40
N SER A 362 -13.07 17.44 21.15
CA SER A 362 -11.77 17.55 20.52
C SER A 362 -11.38 16.26 19.80
N GLU A 363 -11.74 15.11 20.37
CA GLU A 363 -11.41 13.82 19.78
C GLU A 363 -12.25 13.50 18.56
N THR A 364 -13.18 14.38 18.17
CA THR A 364 -14.07 14.10 17.05
C THR A 364 -13.29 13.91 15.74
N LEU A 365 -12.27 14.76 15.52
CA LEU A 365 -11.53 14.70 14.26
C LEU A 365 -10.82 13.36 14.11
N GLN A 366 -10.19 12.86 15.18
CA GLN A 366 -9.47 11.59 15.09
C GLN A 366 -10.43 10.44 14.83
N ARG A 367 -11.59 10.45 15.48
CA ARG A 367 -12.56 9.37 15.30
C ARG A 367 -13.07 9.32 13.86
N ILE A 368 -13.33 10.48 13.26
CA ILE A 368 -13.80 10.53 11.89
C ILE A 368 -12.72 10.00 10.94
N GLN A 369 -11.46 10.37 11.18
CA GLN A 369 -10.37 9.90 10.33
C GLN A 369 -10.21 8.39 10.41
N VAL A 370 -10.35 7.82 11.61
CA VAL A 370 -10.23 6.37 11.77
C VAL A 370 -11.37 5.66 11.03
N HIS A 371 -12.59 6.18 11.16
CA HIS A 371 -13.72 5.57 10.46
C HIS A 371 -13.56 5.65 8.96
N GLU A 372 -13.08 6.79 8.45
CA GLU A 372 -12.93 6.95 7.01
C GLU A 372 -11.82 6.08 6.45
N ALA A 373 -10.75 5.89 7.22
CA ALA A 373 -9.59 5.14 6.73
C ALA A 373 -9.95 3.69 6.44
N VAL A 374 -10.70 3.04 7.33
CA VAL A 374 -11.04 1.64 7.15
C VAL A 374 -12.01 1.46 5.99
N LYS A 375 -12.94 2.41 5.82
CA LYS A 375 -13.93 2.30 4.75
C LYS A 375 -13.27 2.38 3.37
N LYS A 376 -12.32 3.31 3.19
CA LYS A 376 -11.69 3.47 1.89
C LYS A 376 -10.87 2.25 1.51
N GLN A 377 -10.15 1.67 2.48
CA GLN A 377 -9.41 0.44 2.20
C GLN A 377 -10.35 -0.71 1.87
N ALA A 378 -11.49 -0.79 2.58
CA ALA A 378 -12.49 -1.80 2.26
C ALA A 378 -13.05 -1.59 0.85
N MET A 379 -13.30 -0.32 0.48
CA MET A 379 -13.75 -0.03 -0.87
C MET A 379 -12.66 -0.32 -1.91
N THR A 380 -11.40 -0.10 -1.55
CA THR A 380 -10.31 -0.39 -2.47
C THR A 380 -10.23 -1.88 -2.79
N ALA A 381 -10.44 -2.74 -1.78
CA ALA A 381 -10.45 -4.17 -2.01
C ALA A 381 -11.62 -4.60 -2.88
N VAL A 382 -12.75 -3.90 -2.80
CA VAL A 382 -13.90 -4.24 -3.61
C VAL A 382 -13.60 -4.03 -5.10
N LEU A 383 -12.95 -2.90 -5.43
CA LEU A 383 -12.66 -2.61 -6.83
C LEU A 383 -11.70 -3.63 -7.44
N TRP A 384 -10.80 -4.19 -6.62
CA TRP A 384 -9.92 -5.24 -7.13
C TRP A 384 -10.69 -6.51 -7.46
N SER A 385 -11.71 -6.81 -6.66
CA SER A 385 -12.52 -8.01 -6.91
C SER A 385 -13.31 -7.88 -8.21
N ILE A 386 -13.81 -6.69 -8.51
CA ILE A 386 -14.61 -6.49 -9.72
C ILE A 386 -13.78 -6.77 -10.97
N SER A 387 -12.47 -6.54 -10.90
CA SER A 387 -11.60 -6.84 -12.04
C SER A 387 -11.62 -8.34 -12.35
N ARG A 388 -11.61 -9.19 -11.33
CA ARG A 388 -11.68 -10.63 -11.54
C ARG A 388 -12.98 -11.01 -12.23
N LEU A 389 -14.10 -10.40 -11.82
CA LEU A 389 -15.38 -10.65 -12.49
C LEU A 389 -15.32 -10.24 -13.96
N ARG A 390 -14.67 -9.11 -14.24
CA ARG A 390 -14.43 -8.74 -15.64
C ARG A 390 -13.56 -9.79 -16.34
N TYR A 391 -12.56 -10.31 -15.63
CA TYR A 391 -11.69 -11.33 -16.19
C TYR A 391 -12.46 -12.62 -16.45
N PHE A 392 -13.28 -13.05 -15.49
CA PHE A 392 -13.99 -14.32 -15.63
C PHE A 392 -15.02 -14.27 -16.76
N TYR A 393 -15.78 -13.18 -16.86
CA TYR A 393 -16.80 -13.05 -17.88
C TYR A 393 -16.23 -12.68 -19.25
N GLN A 394 -14.96 -12.31 -19.33
CA GLN A 394 -14.34 -11.81 -20.56
C GLN A 394 -15.15 -10.63 -21.12
N PHE A 395 -15.54 -9.74 -20.21
CA PHE A 395 -16.40 -8.61 -20.53
C PHE A 395 -15.79 -7.34 -19.95
N GLU A 396 -15.87 -6.26 -20.71
CA GLU A 396 -15.27 -4.99 -20.32
C GLU A 396 -16.23 -3.86 -20.73
N ASP A 397 -15.74 -2.63 -20.59
CA ASP A 397 -16.44 -1.39 -20.94
C ASP A 397 -17.93 -1.46 -20.58
N GLY A 398 -18.18 -1.74 -19.31
CA GLY A 398 -19.54 -1.83 -18.81
C GLY A 398 -19.62 -2.24 -17.36
N ASP A 399 -20.65 -1.78 -16.66
CA ASP A 399 -20.83 -2.09 -15.25
C ASP A 399 -21.37 -3.50 -15.11
N ILE A 400 -20.48 -4.46 -14.82
CA ILE A 400 -20.89 -5.85 -14.66
C ILE A 400 -21.75 -6.05 -13.43
N LEU A 401 -21.68 -5.13 -12.46
CA LEU A 401 -22.43 -5.24 -11.21
C LEU A 401 -23.81 -4.62 -11.27
N SER A 402 -24.19 -4.02 -12.40
CA SER A 402 -25.49 -3.39 -12.53
C SER A 402 -26.56 -4.43 -12.84
N ASN A 403 -27.81 -4.05 -12.62
CA ASN A 403 -28.95 -4.94 -12.81
C ASN A 403 -29.85 -4.52 -13.97
N LYS A 404 -29.31 -3.73 -14.90
CA LYS A 404 -30.10 -3.35 -16.08
C LYS A 404 -30.26 -4.54 -17.02
N ASN A 405 -31.32 -4.49 -17.83
CA ASN A 405 -31.71 -5.62 -18.68
C ASN A 405 -30.60 -6.16 -19.58
N PRO A 406 -29.80 -5.34 -20.30
CA PRO A 406 -28.76 -5.92 -21.17
C PRO A 406 -27.70 -6.69 -20.40
N ILE A 407 -27.11 -6.07 -19.38
CA ILE A 407 -26.02 -6.71 -18.65
C ILE A 407 -26.54 -7.85 -17.79
N LYS A 408 -27.70 -7.67 -17.16
CA LYS A 408 -28.24 -8.71 -16.29
C LYS A 408 -28.57 -9.97 -17.08
N ASP A 409 -29.11 -9.81 -18.29
CA ASP A 409 -29.42 -10.98 -19.11
C ASP A 409 -28.15 -11.73 -19.50
N PHE A 410 -27.07 -11.00 -19.74
CA PHE A 410 -25.80 -11.64 -20.13
C PHE A 410 -25.27 -12.54 -19.02
N ARG A 411 -25.33 -12.08 -17.77
CA ARG A 411 -24.78 -12.87 -16.68
C ARG A 411 -25.67 -14.06 -16.36
N ASP A 412 -27.00 -13.89 -16.44
CA ASP A 412 -27.91 -14.97 -16.07
C ASP A 412 -27.76 -16.18 -17.00
N LYS A 413 -27.58 -15.94 -18.29
CA LYS A 413 -27.43 -17.01 -19.26
C LYS A 413 -25.98 -17.26 -19.65
N PHE A 414 -25.04 -16.69 -18.91
CA PHE A 414 -23.63 -16.91 -19.19
C PHE A 414 -23.26 -18.37 -18.94
N LEU A 415 -22.46 -18.93 -19.84
CA LEU A 415 -21.94 -20.29 -19.73
C LEU A 415 -23.06 -21.34 -19.65
N ARG A 416 -24.24 -21.01 -20.19
CA ARG A 416 -25.40 -21.90 -20.17
C ARG A 416 -25.70 -22.48 -21.54
N ASP A 417 -25.77 -21.63 -22.56
CA ASP A 417 -26.10 -22.09 -23.90
C ASP A 417 -24.92 -22.85 -24.49
N THR A 418 -25.15 -24.12 -24.84
CA THR A 418 -24.10 -24.93 -25.44
C THR A 418 -23.72 -24.43 -26.83
N ASN A 419 -24.67 -23.86 -27.56
CA ASN A 419 -24.39 -23.37 -28.91
C ASN A 419 -23.37 -22.25 -28.90
N LYS A 420 -23.49 -21.33 -27.95
CA LYS A 420 -22.59 -20.17 -27.89
C LYS A 420 -21.33 -20.45 -27.09
N TYR A 421 -21.44 -21.14 -25.96
CA TYR A 421 -20.31 -21.43 -25.08
C TYR A 421 -19.99 -22.92 -25.19
N THR A 422 -18.94 -23.25 -25.95
CA THR A 422 -18.55 -24.63 -26.12
C THR A 422 -17.94 -25.19 -24.84
N HIS A 423 -17.68 -26.51 -24.86
CA HIS A 423 -17.07 -27.15 -23.70
C HIS A 423 -15.66 -26.65 -23.44
N GLU A 424 -14.93 -26.27 -24.50
CA GLU A 424 -13.62 -25.67 -24.30
C GLU A 424 -13.73 -24.30 -23.64
N ASP A 425 -14.76 -23.54 -24.00
CA ASP A 425 -15.02 -22.27 -23.32
C ASP A 425 -15.35 -22.50 -21.85
N VAL A 426 -16.11 -23.56 -21.55
CA VAL A 426 -16.40 -23.91 -20.17
C VAL A 426 -15.12 -24.24 -19.42
N GLU A 427 -14.20 -24.98 -20.07
CA GLU A 427 -12.96 -25.36 -19.43
C GLU A 427 -12.12 -24.16 -19.05
N ALA A 428 -12.06 -23.15 -19.94
CA ALA A 428 -11.24 -21.97 -19.65
C ALA A 428 -11.76 -21.22 -18.45
N CYS A 429 -13.08 -21.04 -18.34
CA CYS A 429 -13.66 -20.33 -17.21
C CYS A 429 -13.41 -21.07 -15.91
N LYS A 430 -13.55 -22.40 -15.92
CA LYS A 430 -13.31 -23.19 -14.72
C LYS A 430 -11.85 -23.14 -14.30
N GLU A 431 -10.94 -22.97 -15.25
CA GLU A 431 -9.51 -22.90 -14.92
C GLU A 431 -9.18 -21.59 -14.21
N LYS A 432 -9.76 -20.47 -14.67
CA LYS A 432 -9.53 -19.19 -14.02
C LYS A 432 -10.09 -19.18 -12.60
N LEU A 433 -11.29 -19.75 -12.41
CA LEU A 433 -11.90 -19.80 -11.09
C LEU A 433 -11.11 -20.70 -10.14
N GLN A 434 -10.38 -21.68 -10.68
CA GLN A 434 -9.65 -22.61 -9.83
C GLN A 434 -8.51 -21.92 -9.09
N ASP A 435 -7.89 -20.91 -9.71
CA ASP A 435 -6.76 -20.23 -9.09
C ASP A 435 -7.16 -19.53 -7.80
N PHE A 436 -8.43 -19.18 -7.65
CA PHE A 436 -8.92 -18.47 -6.46
C PHE A 436 -9.82 -19.34 -5.60
N PHE A 437 -10.80 -20.02 -6.20
CA PHE A 437 -11.73 -20.84 -5.44
C PHE A 437 -11.35 -22.31 -5.55
N PRO A 438 -11.45 -23.07 -4.46
CA PRO A 438 -11.20 -24.52 -4.53
C PRO A 438 -12.40 -25.26 -5.09
N LEU A 439 -12.27 -25.73 -6.33
CA LEU A 439 -13.35 -26.42 -7.02
C LEU A 439 -13.16 -27.93 -7.09
N LYS A 440 -11.93 -28.40 -7.34
CA LYS A 440 -11.69 -29.83 -7.36
C LYS A 440 -11.91 -30.46 -5.99
N GLU A 441 -11.52 -29.75 -4.93
CA GLU A 441 -11.76 -30.24 -3.58
C GLU A 441 -13.25 -30.34 -3.29
N LEU A 442 -14.03 -29.33 -3.72
CA LEU A 442 -15.47 -29.35 -3.49
C LEU A 442 -16.14 -30.50 -4.23
N GLN A 443 -15.75 -30.73 -5.49
CA GLN A 443 -16.36 -31.81 -6.26
C GLN A 443 -16.00 -33.18 -5.68
N GLU A 444 -14.76 -33.34 -5.22
CA GLU A 444 -14.34 -34.61 -4.63
C GLU A 444 -15.10 -34.89 -3.34
N LYS A 445 -15.30 -33.86 -2.51
CA LYS A 445 -15.99 -34.05 -1.24
C LYS A 445 -17.43 -34.50 -1.44
N ILE A 446 -18.13 -33.88 -2.39
CA ILE A 446 -19.51 -34.26 -2.65
C ILE A 446 -19.60 -35.67 -3.22
N LYS A 447 -18.65 -36.02 -4.11
CA LYS A 447 -18.61 -37.37 -4.65
C LYS A 447 -18.37 -38.40 -3.53
N GLU A 448 -17.52 -38.05 -2.56
CA GLU A 448 -17.32 -38.92 -1.41
C GLU A 448 -18.62 -39.08 -0.61
N ASP A 449 -19.34 -37.98 -0.41
CA ASP A 449 -20.60 -38.02 0.31
C ASP A 449 -21.76 -38.37 -0.63
N ALA A 468 -27.86 -31.94 -1.10
CA ALA A 468 -28.86 -30.92 -1.41
C ALA A 468 -28.46 -30.12 -2.65
N ILE A 469 -27.20 -29.70 -2.69
CA ILE A 469 -26.68 -28.93 -3.81
C ILE A 469 -25.79 -29.78 -4.71
N GLY A 470 -25.90 -31.10 -4.62
CA GLY A 470 -25.06 -31.97 -5.43
C GLY A 470 -25.32 -31.84 -6.92
N HIS A 471 -26.56 -31.59 -7.30
CA HIS A 471 -26.89 -31.48 -8.72
C HIS A 471 -26.23 -30.28 -9.38
N ILE A 472 -26.12 -29.17 -8.65
CA ILE A 472 -25.47 -27.98 -9.20
C ILE A 472 -23.97 -28.21 -9.35
N VAL A 473 -23.34 -28.79 -8.33
CA VAL A 473 -21.89 -28.95 -8.33
C VAL A 473 -21.46 -29.97 -9.37
N ARG A 474 -22.23 -31.06 -9.51
CA ARG A 474 -21.83 -32.15 -10.40
C ARG A 474 -21.72 -31.70 -11.86
N ASP A 475 -22.38 -30.61 -12.24
CA ASP A 475 -22.30 -30.08 -13.60
C ASP A 475 -21.34 -28.91 -13.62
N ASP A 476 -20.37 -28.97 -14.54
CA ASP A 476 -19.36 -27.92 -14.63
C ASP A 476 -19.99 -26.58 -15.01
N ARG A 477 -20.94 -26.59 -15.95
CA ARG A 477 -21.57 -25.35 -16.41
C ARG A 477 -22.33 -24.67 -15.28
N LYS A 478 -23.09 -25.45 -14.51
CA LYS A 478 -23.93 -24.84 -13.47
C LYS A 478 -23.11 -24.41 -12.27
N LEU A 479 -22.01 -25.09 -11.97
CA LEU A 479 -21.18 -24.70 -10.83
C LEU A 479 -20.54 -23.34 -11.06
N CYS A 480 -20.02 -23.09 -12.27
CA CYS A 480 -19.41 -21.80 -12.57
C CYS A 480 -20.45 -20.70 -12.63
N ASN A 481 -21.62 -20.98 -13.22
CA ASN A 481 -22.66 -19.97 -13.35
C ASN A 481 -23.18 -19.53 -11.98
N GLN A 482 -23.42 -20.49 -11.09
CA GLN A 482 -24.02 -20.16 -9.80
C GLN A 482 -23.02 -19.46 -8.89
N LEU A 483 -21.77 -19.92 -8.89
CA LEU A 483 -20.75 -19.31 -8.04
C LEU A 483 -20.50 -17.85 -8.41
N LEU A 484 -20.43 -17.56 -9.71
CA LEU A 484 -20.22 -16.18 -10.15
C LEU A 484 -21.40 -15.30 -9.77
N ALA A 485 -22.63 -15.81 -9.90
CA ALA A 485 -23.80 -15.00 -9.59
C ALA A 485 -23.85 -14.63 -8.11
N GLU A 486 -23.48 -15.56 -7.23
CA GLU A 486 -23.50 -15.28 -5.80
C GLU A 486 -22.44 -14.25 -5.43
N CYS A 487 -21.29 -14.28 -6.12
CA CYS A 487 -20.25 -13.28 -5.88
C CYS A 487 -20.73 -11.89 -6.26
N VAL A 488 -21.45 -11.78 -7.37
CA VAL A 488 -21.95 -10.48 -7.82
C VAL A 488 -22.93 -9.89 -6.80
N SER A 489 -23.82 -10.74 -6.27
CA SER A 489 -24.80 -10.26 -5.29
C SER A 489 -24.11 -9.75 -4.02
N CYS A 490 -23.10 -10.49 -3.55
CA CYS A 490 -22.40 -10.06 -2.34
C CYS A 490 -21.56 -8.81 -2.61
N ILE A 491 -20.82 -8.79 -3.72
CA ILE A 491 -19.97 -7.64 -4.02
C ILE A 491 -20.82 -6.43 -4.41
N GLY A 492 -21.88 -6.66 -5.19
CA GLY A 492 -22.70 -5.54 -5.64
C GLY A 492 -23.33 -4.78 -4.50
N GLU A 493 -23.92 -5.50 -3.54
CA GLU A 493 -24.48 -4.84 -2.37
C GLU A 493 -23.39 -4.30 -1.45
N LEU A 494 -22.21 -4.93 -1.44
CA LEU A 494 -21.10 -4.40 -0.66
C LEU A 494 -20.62 -3.08 -1.23
N ARG A 495 -20.65 -2.92 -2.55
CA ARG A 495 -20.20 -1.68 -3.17
C ARG A 495 -21.08 -0.51 -2.74
N HIS A 496 -22.40 -0.67 -2.85
CA HIS A 496 -23.32 0.38 -2.45
C HIS A 496 -23.78 0.20 -1.00
N HIS A 497 -22.82 -0.03 -0.11
CA HIS A 497 -23.10 0.05 1.33
C HIS A 497 -21.99 0.68 2.16
N ILE A 498 -20.72 0.68 1.71
CA ILE A 498 -19.65 1.21 2.54
C ILE A 498 -19.83 2.71 2.75
N PHE A 499 -20.14 3.42 1.66
CA PHE A 499 -20.49 4.83 1.72
C PHE A 499 -21.97 4.97 2.08
N HIS A 500 -22.53 6.17 1.89
CA HIS A 500 -23.93 6.51 2.21
C HIS A 500 -24.01 6.70 3.72
N TYR A 501 -25.19 6.94 4.31
CA TYR A 501 -25.23 7.57 5.62
C TYR A 501 -25.95 6.78 6.70
N LYS A 502 -26.60 5.65 6.39
CA LYS A 502 -27.23 4.86 7.46
C LYS A 502 -26.22 3.99 8.21
N ASN A 503 -24.96 3.95 7.77
CA ASN A 503 -23.92 3.14 8.42
C ASN A 503 -22.69 4.03 8.61
N VAL A 504 -22.51 4.53 9.82
CA VAL A 504 -21.38 5.39 10.16
C VAL A 504 -20.10 4.55 10.19
N THR A 505 -20.23 3.29 10.59
CA THR A 505 -19.09 2.39 10.70
C THR A 505 -19.19 1.28 9.66
N LEU A 506 -18.04 0.71 9.31
CA LEU A 506 -18.01 -0.39 8.35
C LEU A 506 -18.75 -1.62 8.88
N ILE A 507 -18.69 -1.86 10.19
CA ILE A 507 -19.34 -3.02 10.76
C ILE A 507 -20.85 -2.95 10.59
N GLN A 508 -21.43 -1.76 10.82
CA GLN A 508 -22.88 -1.61 10.66
C GLN A 508 -23.30 -1.82 9.21
N ALA A 509 -22.42 -1.51 8.25
CA ALA A 509 -22.74 -1.76 6.85
C ALA A 509 -22.75 -3.26 6.55
N LEU A 510 -21.93 -4.04 7.26
CA LEU A 510 -21.86 -5.47 7.01
C LEU A 510 -23.09 -6.20 7.57
N LYS A 511 -23.58 -5.75 8.72
CA LYS A 511 -24.78 -6.37 9.29
C LYS A 511 -26.00 -6.18 8.40
N ARG A 512 -26.14 -4.98 7.82
CA ARG A 512 -27.30 -4.68 6.99
C ARG A 512 -27.35 -5.57 5.76
N ILE A 513 -26.20 -5.81 5.13
CA ILE A 513 -26.15 -6.68 3.96
C ILE A 513 -26.48 -8.12 4.35
N ALA A 514 -26.06 -8.54 5.55
CA ALA A 514 -26.32 -9.90 6.00
C ALA A 514 -27.81 -10.17 6.12
N ASP A 515 -28.57 -9.19 6.59
CA ASP A 515 -30.02 -9.37 6.72
C ASP A 515 -30.67 -9.56 5.35
N LYS A 516 -30.25 -8.77 4.35
CA LYS A 516 -30.84 -8.87 3.03
C LYS A 516 -30.37 -10.13 2.30
N VAL A 517 -29.07 -10.40 2.35
CA VAL A 517 -28.50 -11.55 1.66
C VAL A 517 -28.28 -12.65 2.70
N LYS A 518 -29.22 -13.59 2.76
CA LYS A 518 -29.16 -14.69 3.71
C LYS A 518 -28.32 -15.84 3.15
N PRO A 519 -27.87 -16.76 4.00
CA PRO A 519 -27.14 -17.94 3.50
C PRO A 519 -28.00 -18.86 2.64
N GLU A 520 -29.33 -18.71 2.66
CA GLU A 520 -30.19 -19.64 1.93
C GLU A 520 -29.93 -19.58 0.43
N ASP A 521 -29.78 -18.38 -0.13
CA ASP A 521 -29.42 -18.25 -1.53
C ASP A 521 -27.92 -18.15 -1.75
N LEU A 522 -27.12 -18.26 -0.69
CA LEU A 522 -25.67 -18.31 -0.76
C LEU A 522 -25.15 -19.72 -0.51
N SER A 523 -25.90 -20.72 -1.02
CA SER A 523 -25.60 -22.12 -0.70
C SER A 523 -24.22 -22.53 -1.20
N VAL A 524 -23.86 -22.12 -2.43
CA VAL A 524 -22.54 -22.49 -2.96
C VAL A 524 -21.44 -21.81 -2.15
N LEU A 525 -21.65 -20.54 -1.79
CA LEU A 525 -20.66 -19.85 -0.96
C LEU A 525 -20.54 -20.50 0.41
N ARG A 526 -21.66 -20.96 0.97
CA ARG A 526 -21.62 -21.62 2.27
C ARG A 526 -20.84 -22.93 2.21
N ALA A 527 -21.01 -23.69 1.13
CA ALA A 527 -20.31 -24.97 1.00
C ALA A 527 -18.80 -24.77 0.92
N ILE A 528 -18.36 -23.76 0.17
CA ILE A 528 -16.93 -23.49 0.06
C ILE A 528 -16.37 -23.01 1.39
N TYR A 529 -17.14 -22.18 2.10
CA TYR A 529 -16.69 -21.67 3.39
C TYR A 529 -16.50 -22.81 4.39
N LEU A 530 -17.46 -23.74 4.44
CA LEU A 530 -17.36 -24.86 5.37
C LEU A 530 -16.21 -25.79 5.00
N LEU A 531 -16.01 -26.03 3.70
CA LEU A 531 -14.94 -26.93 3.27
C LEU A 531 -13.56 -26.39 3.66
N ASP A 532 -13.33 -25.10 3.40
CA ASP A 532 -12.00 -24.54 3.68
C ASP A 532 -11.75 -24.42 5.18
N ARG A 533 -12.80 -24.10 5.95
CA ARG A 533 -12.65 -24.10 7.41
C ARG A 533 -12.37 -25.50 7.94
N ARG A 534 -13.05 -26.51 7.38
CA ARG A 534 -12.82 -27.88 7.81
C ARG A 534 -11.47 -28.41 7.35
N ASN A 535 -10.99 -27.96 6.19
CA ASN A 535 -9.72 -28.44 5.63
C ASN A 535 -8.58 -27.57 6.18
N LEU A 536 -8.49 -27.54 7.51
CA LEU A 536 -7.37 -26.89 8.19
C LEU A 536 -6.28 -27.89 8.57
N LYS A 537 -6.45 -29.16 8.19
CA LYS A 537 -5.45 -30.18 8.47
C LYS A 537 -4.43 -30.18 7.33
N LYS A 538 -4.91 -30.28 6.09
CA LYS A 538 -4.04 -30.23 4.93
C LYS A 538 -3.38 -28.85 4.80
N ALA A 539 -4.08 -27.78 5.19
CA ALA A 539 -3.57 -26.43 4.97
C ALA A 539 -2.23 -26.22 5.67
N PHE A 540 -2.12 -26.68 6.92
CA PHE A 540 -0.85 -26.58 7.62
C PHE A 540 0.16 -27.61 7.11
N ALA A 541 -0.32 -28.76 6.63
CA ALA A 541 0.59 -29.79 6.13
C ALA A 541 1.36 -29.30 4.91
N LYS A 542 0.68 -28.65 3.97
CA LYS A 542 1.38 -28.10 2.81
C LYS A 542 2.24 -26.90 3.22
N ARG A 543 1.80 -26.14 4.22
CA ARG A 543 2.59 -25.01 4.70
C ARG A 543 3.92 -25.48 5.27
N ILE A 544 3.91 -26.58 6.03
CA ILE A 544 5.15 -27.12 6.59
C ILE A 544 6.08 -27.56 5.47
N SER A 545 5.54 -28.27 4.47
CA SER A 545 6.38 -28.75 3.38
C SER A 545 6.89 -27.61 2.51
N SER A 546 6.13 -26.51 2.44
CA SER A 546 6.47 -25.43 1.53
C SER A 546 7.75 -24.70 1.93
N MET A 547 8.16 -24.77 3.21
CA MET A 547 9.33 -24.06 3.69
C MET A 547 10.49 -24.99 3.98
N ASN A 548 10.56 -26.13 3.31
CA ASN A 548 11.64 -27.11 3.47
C ASN A 548 11.77 -27.61 4.91
N LEU A 549 10.70 -27.51 5.69
CA LEU A 549 10.75 -27.97 7.09
C LEU A 549 11.03 -29.46 7.21
N PRO A 550 10.35 -30.37 6.52
CA PRO A 550 10.63 -31.80 6.71
C PRO A 550 11.82 -32.33 5.92
N LEU A 551 12.35 -31.56 4.96
CA LEU A 551 13.52 -32.00 4.22
C LEU A 551 14.82 -31.61 4.92
N TYR A 552 14.75 -30.88 6.03
CA TYR A 552 15.91 -30.58 6.86
C TYR A 552 15.85 -31.19 8.25
N TYR A 553 14.68 -31.66 8.70
CA TYR A 553 14.55 -32.21 10.04
C TYR A 553 13.77 -33.53 9.98
N ARG A 554 14.01 -34.37 10.98
CA ARG A 554 13.35 -35.66 11.07
C ARG A 554 11.92 -35.50 11.57
N GLU A 555 11.15 -36.59 11.44
CA GLU A 555 9.75 -36.56 11.89
C GLU A 555 9.64 -36.50 13.41
N ASP A 556 10.54 -37.16 14.13
CA ASP A 556 10.45 -37.22 15.59
C ASP A 556 10.61 -35.84 16.20
N LEU A 557 11.54 -35.04 15.68
CA LEU A 557 11.74 -33.70 16.21
C LEU A 557 10.60 -32.78 15.81
N LEU A 558 10.12 -32.90 14.56
CA LEU A 558 9.00 -32.09 14.12
C LEU A 558 7.75 -32.42 14.93
N SER A 559 7.49 -33.71 15.16
CA SER A 559 6.37 -34.08 16.02
C SER A 559 6.59 -33.67 17.46
N ARG A 560 7.86 -33.53 17.87
CA ARG A 560 8.15 -33.08 19.24
C ARG A 560 7.64 -31.67 19.48
N ILE A 561 7.70 -30.82 18.45
CA ILE A 561 7.24 -29.44 18.60
C ILE A 561 5.74 -29.34 18.38
N PHE A 562 5.24 -29.86 17.26
CA PHE A 562 3.86 -29.63 16.87
C PHE A 562 2.89 -30.51 17.65
N LYS A 563 3.03 -31.84 17.51
CA LYS A 563 2.07 -32.78 18.08
C LYS A 563 2.58 -33.26 19.43
N LYS A 564 2.15 -32.59 20.50
CA LYS A 564 2.57 -32.95 21.86
C LYS A 564 1.34 -32.88 22.78
N GLU A 565 0.64 -34.01 22.89
CA GLU A 565 -0.49 -34.17 23.81
C GLU A 565 -1.52 -33.05 23.62
N GLY A 566 -1.72 -32.63 22.38
CA GLY A 566 -2.58 -31.50 22.10
C GLY A 566 -1.79 -30.21 22.14
N THR A 567 -1.81 -29.46 21.04
CA THR A 567 -1.00 -28.26 20.91
C THR A 567 -1.83 -27.02 21.13
N ALA A 568 -1.15 -25.93 21.50
CA ALA A 568 -1.77 -24.62 21.67
C ALA A 568 -1.56 -23.72 20.45
N PHE A 569 -1.28 -24.31 19.29
CA PHE A 569 -1.05 -23.54 18.07
C PHE A 569 -2.38 -22.97 17.58
N PHE A 570 -2.59 -21.69 17.84
CA PHE A 570 -3.78 -21.01 17.35
C PHE A 570 -3.56 -20.48 15.94
N LEU A 571 -4.64 -20.42 15.17
CA LEU A 571 -4.55 -19.96 13.79
C LEU A 571 -4.10 -18.50 13.72
N TYR A 572 -4.67 -17.65 14.57
CA TYR A 572 -4.36 -16.23 14.58
C TYR A 572 -4.63 -15.66 15.95
N SER A 573 -3.60 -15.11 16.59
CA SER A 573 -3.75 -14.42 17.86
C SER A 573 -4.31 -13.03 17.64
N ALA A 574 -4.88 -12.46 18.70
CA ALA A 574 -5.53 -11.16 18.61
C ALA A 574 -4.51 -10.04 18.80
N LYS A 575 -3.26 -10.31 18.45
CA LYS A 575 -2.15 -9.38 18.56
C LYS A 575 -2.52 -7.97 18.14
N ILE A 576 -2.29 -7.02 19.06
CA ILE A 576 -2.63 -5.62 18.87
C ILE A 576 -1.54 -4.88 18.11
N GLN A 577 -1.84 -3.66 17.69
CA GLN A 577 -0.95 -2.87 16.84
C GLN A 577 0.38 -2.61 17.54
N MET A 578 1.43 -2.45 16.72
CA MET A 578 2.82 -2.15 17.04
C MET A 578 3.58 -3.40 17.49
N THR A 579 2.90 -4.53 17.71
CA THR A 579 3.60 -5.76 18.01
C THR A 579 4.52 -6.14 16.85
N PRO A 580 5.82 -6.28 17.08
CA PRO A 580 6.75 -6.45 15.95
C PRO A 580 6.56 -7.77 15.23
N SER A 581 6.74 -7.73 13.91
CA SER A 581 6.73 -8.94 13.11
C SER A 581 8.00 -9.74 13.35
N PHE A 582 7.98 -11.00 12.92
CA PHE A 582 9.09 -11.91 13.21
C PHE A 582 10.37 -11.43 12.55
N GLN A 583 10.28 -10.92 11.32
CA GLN A 583 11.48 -10.54 10.58
C GLN A 583 12.25 -9.45 11.30
N ARG A 584 11.56 -8.45 11.83
CA ARG A 584 12.24 -7.36 12.51
C ARG A 584 12.95 -7.83 13.78
N VAL A 585 12.28 -8.68 14.57
CA VAL A 585 12.90 -9.16 15.80
C VAL A 585 14.07 -10.08 15.49
N TYR A 586 13.96 -10.89 14.44
CA TYR A 586 15.05 -11.79 14.09
C TYR A 586 16.29 -11.02 13.67
N GLU A 587 16.10 -9.97 12.85
CA GLU A 587 17.24 -9.14 12.46
C GLU A 587 17.85 -8.43 13.66
N ARG A 588 17.02 -7.92 14.57
CA ARG A 588 17.54 -7.28 15.77
C ARG A 588 18.19 -8.29 16.70
N GLY A 589 17.68 -9.51 16.74
CA GLY A 589 18.23 -10.51 17.65
C GLY A 589 19.66 -10.86 17.32
N LYS A 590 19.97 -11.08 16.05
CA LYS A 590 21.34 -11.41 15.66
C LYS A 590 22.27 -10.21 15.86
N ASN A 591 21.75 -8.99 15.63
CA ASN A 591 22.55 -7.80 15.87
C ASN A 591 22.88 -7.63 17.35
N LEU A 592 21.91 -7.93 18.22
CA LEU A 592 22.19 -7.94 19.65
C LEU A 592 23.20 -9.01 20.00
N ARG A 593 23.15 -10.17 19.33
CA ARG A 593 24.15 -11.20 19.52
C ARG A 593 25.48 -10.79 18.92
N ARG A 594 25.46 -9.96 17.87
CA ARG A 594 26.69 -9.58 17.18
C ARG A 594 27.66 -8.87 18.12
N GLU A 595 27.16 -7.92 18.93
CA GLU A 595 28.02 -7.25 19.88
C GLU A 595 28.44 -8.21 21.01
N PHE A 596 27.56 -9.13 21.39
CA PHE A 596 27.90 -10.10 22.41
C PHE A 596 28.92 -11.12 21.91
N GLU A 597 28.78 -11.52 20.64
CA GLU A 597 29.70 -12.50 20.04
C GLU A 597 31.10 -11.92 19.89
N LEU A 617 20.55 -15.20 26.91
CA LEU A 617 20.54 -15.34 25.45
C LEU A 617 20.37 -16.80 25.05
N LYS A 618 21.46 -17.39 24.58
CA LYS A 618 21.63 -18.79 24.19
C LYS A 618 20.93 -19.10 22.86
N TRP A 619 20.15 -18.17 22.31
CA TRP A 619 19.46 -18.36 21.04
C TRP A 619 19.94 -17.31 20.02
N PHE A 620 19.29 -17.27 18.85
CA PHE A 620 19.67 -16.42 17.73
C PHE A 620 21.06 -16.74 17.20
N ARG A 621 21.50 -17.99 17.38
CA ARG A 621 22.81 -18.42 16.89
C ARG A 621 22.73 -18.66 15.39
N GLN A 622 23.87 -18.67 14.72
CA GLN A 622 23.93 -19.01 13.30
C GLN A 622 24.81 -20.22 13.08
N ASP A 658 20.13 -21.91 2.34
CA ASP A 658 19.03 -22.81 2.64
C ASP A 658 19.08 -23.29 4.09
N ALA A 659 20.29 -23.48 4.61
CA ALA A 659 20.45 -23.91 6.00
C ALA A 659 19.93 -22.84 6.96
N GLN A 660 20.29 -21.57 6.72
CA GLN A 660 19.77 -20.50 7.54
C GLN A 660 18.33 -20.15 7.20
N ARG A 661 17.92 -20.40 5.95
CA ARG A 661 16.54 -20.14 5.55
C ARG A 661 15.57 -21.03 6.31
N ALA A 662 15.90 -22.32 6.46
CA ALA A 662 15.04 -23.23 7.20
C ALA A 662 14.95 -22.84 8.66
N LEU A 663 16.07 -22.41 9.25
CA LEU A 663 16.07 -22.02 10.65
C LEU A 663 15.16 -20.81 10.89
N ARG A 664 15.22 -19.82 9.99
CA ARG A 664 14.34 -18.67 10.11
C ARG A 664 12.88 -19.06 9.94
N ASN A 665 12.60 -19.95 8.98
CA ASN A 665 11.23 -20.42 8.79
C ASN A 665 10.73 -21.17 10.02
N LEU A 666 11.58 -22.01 10.62
CA LEU A 666 11.17 -22.75 11.81
C LEU A 666 10.87 -21.81 12.97
N LEU A 667 11.73 -20.81 13.20
CA LEU A 667 11.51 -19.91 14.33
C LEU A 667 10.31 -18.99 14.10
N LEU A 668 9.94 -18.76 12.84
CA LEU A 668 8.77 -17.93 12.55
C LEU A 668 7.50 -18.62 13.01
N LEU A 669 7.40 -19.93 12.80
CA LEU A 669 6.15 -20.63 13.08
C LEU A 669 5.84 -20.66 14.56
N ILE A 670 6.84 -20.90 15.40
CA ILE A 670 6.63 -20.88 16.85
C ILE A 670 6.29 -19.48 17.33
N TYR A 671 6.95 -18.46 16.76
CA TYR A 671 6.75 -17.09 17.20
C TYR A 671 5.31 -16.63 16.96
N ARG A 672 4.81 -16.80 15.74
CA ARG A 672 3.53 -16.23 15.33
C ARG A 672 2.34 -17.12 15.66
N HIS A 673 2.58 -18.39 16.02
CA HIS A 673 1.48 -19.31 16.30
C HIS A 673 1.42 -19.79 17.74
N HIS A 674 2.53 -19.78 18.47
CA HIS A 674 2.55 -20.27 19.85
C HIS A 674 3.00 -19.23 20.86
N PHE A 675 4.04 -18.45 20.55
CA PHE A 675 4.55 -17.46 21.49
C PHE A 675 3.55 -16.32 21.68
N LEU A 676 3.02 -15.80 20.59
CA LEU A 676 2.10 -14.65 20.67
C LEU A 676 0.83 -14.95 21.46
N PRO A 677 0.12 -16.07 21.24
CA PRO A 677 -1.10 -16.30 22.04
C PRO A 677 -0.85 -16.34 23.54
N GLU A 678 0.28 -16.90 23.98
CA GLU A 678 0.59 -16.91 25.41
C GLU A 678 0.90 -15.51 25.90
N VAL A 679 1.54 -14.68 25.07
CA VAL A 679 1.78 -13.29 25.42
C VAL A 679 0.45 -12.56 25.61
N GLN A 680 -0.55 -12.89 24.79
CA GLN A 680 -1.87 -12.31 24.97
C GLN A 680 -2.48 -12.71 26.31
N LYS A 681 -2.28 -13.97 26.72
CA LYS A 681 -2.85 -14.44 27.98
C LYS A 681 -2.18 -13.77 29.17
N ASP A 682 -0.87 -13.92 29.29
CA ASP A 682 -0.10 -13.32 30.37
C ASP A 682 0.91 -12.34 29.78
N GLU A 683 1.02 -11.17 30.40
CA GLU A 683 1.94 -10.13 29.93
C GLU A 683 3.23 -10.06 30.73
N THR A 684 3.40 -10.91 31.75
CA THR A 684 4.63 -10.89 32.53
C THR A 684 5.84 -11.33 31.70
N LEU A 685 5.62 -12.07 30.61
CA LEU A 685 6.74 -12.45 29.75
C LEU A 685 7.38 -11.24 29.10
N VAL A 686 6.55 -10.28 28.65
CA VAL A 686 7.06 -9.10 27.97
C VAL A 686 7.33 -7.97 28.95
N THR A 687 6.39 -7.71 29.87
CA THR A 687 6.56 -6.62 30.82
C THR A 687 7.65 -6.92 31.84
N GLY A 688 7.87 -8.18 32.18
CA GLY A 688 8.88 -8.52 33.17
C GLY A 688 10.30 -8.34 32.66
N LYS A 689 10.49 -8.39 31.35
CA LYS A 689 11.82 -8.25 30.74
C LYS A 689 12.18 -6.80 30.43
N ILE A 690 11.30 -5.84 30.77
CA ILE A 690 11.55 -4.44 30.42
C ILE A 690 12.79 -3.93 31.14
N HIS A 691 12.94 -4.25 32.41
CA HIS A 691 14.04 -3.69 33.20
C HIS A 691 15.39 -4.15 32.67
N LYS A 692 15.48 -5.41 32.20
CA LYS A 692 16.76 -5.92 31.72
C LYS A 692 17.27 -5.13 30.52
N VAL A 693 16.37 -4.77 29.60
CA VAL A 693 16.77 -3.96 28.46
C VAL A 693 17.19 -2.57 28.90
N LEU A 694 16.43 -1.97 29.82
CA LEU A 694 16.71 -0.60 30.24
C LEU A 694 18.07 -0.48 30.91
N GLU A 695 18.40 -1.43 31.79
CA GLU A 695 19.67 -1.36 32.51
C GLU A 695 20.86 -1.51 31.56
N ARG A 696 20.72 -2.35 30.53
CA ARG A 696 21.82 -2.57 29.60
C ARG A 696 22.19 -1.30 28.85
N ASN A 697 21.19 -0.52 28.44
CA ASN A 697 21.47 0.67 27.64
C ASN A 697 22.09 1.79 28.46
N ARG A 698 21.78 1.84 29.76
CA ARG A 698 22.41 2.85 30.62
C ARG A 698 23.91 2.63 30.69
N GLN A 699 24.35 1.38 30.81
CA GLN A 699 25.77 1.08 30.80
C GLN A 699 26.42 1.44 29.47
N LEU A 700 25.67 1.27 28.37
CA LEU A 700 26.20 1.65 27.06
C LEU A 700 26.41 3.15 26.95
N SER A 701 25.49 3.94 27.51
CA SER A 701 25.62 5.40 27.45
C SER A 701 26.85 5.89 28.20
N GLU A 702 27.12 5.31 29.38
CA GLU A 702 28.28 5.72 30.16
C GLU A 702 29.59 5.29 29.52
N GLY A 703 29.55 4.36 28.56
CA GLY A 703 30.76 3.94 27.87
C GLY A 703 31.24 4.89 26.79
N GLN A 704 30.46 5.93 26.50
CA GLN A 704 30.82 6.93 25.50
C GLN A 704 31.28 8.21 26.18
N GLY A 705 31.87 9.09 25.38
CA GLY A 705 32.36 10.36 25.88
C GLY A 705 31.25 11.29 26.30
N PRO A 706 31.56 12.26 27.16
CA PRO A 706 30.54 13.22 27.59
C PRO A 706 29.95 14.02 26.45
N ASN A 707 30.72 14.32 25.40
CA ASN A 707 30.21 15.06 24.26
C ASN A 707 29.30 14.23 23.37
N GLN A 708 29.29 12.90 23.53
CA GLN A 708 28.45 12.03 22.73
C GLN A 708 27.36 11.31 23.54
N GLY A 709 27.19 11.66 24.81
CA GLY A 709 26.18 11.03 25.63
C GLY A 709 24.84 11.73 25.58
N LYS A 710 24.69 12.66 24.63
CA LYS A 710 23.46 13.42 24.49
C LYS A 710 22.34 12.55 23.93
N ALA A 711 21.11 12.85 24.34
CA ALA A 711 19.91 12.21 23.82
C ALA A 711 19.95 10.70 24.03
N HIS A 712 19.93 10.33 25.32
CA HIS A 712 19.90 8.92 25.69
C HIS A 712 18.64 8.26 25.12
N GLY A 713 18.79 7.01 24.67
CA GLY A 713 17.74 6.39 23.88
C GLY A 713 16.43 6.21 24.64
N TYR A 714 16.51 5.69 25.86
CA TYR A 714 15.32 5.37 26.64
C TYR A 714 15.04 6.38 27.74
N SER A 715 15.47 7.63 27.55
CA SER A 715 15.23 8.66 28.55
C SER A 715 13.75 8.92 28.75
N VAL A 716 13.01 9.10 27.65
CA VAL A 716 11.57 9.33 27.75
C VAL A 716 10.86 8.08 28.22
N ILE A 717 11.32 6.90 27.80
CA ILE A 717 10.65 5.66 28.15
C ILE A 717 10.68 5.43 29.66
N GLU A 718 11.82 5.72 30.29
CA GLU A 718 11.91 5.58 31.74
C GLU A 718 10.95 6.53 32.46
N GLU A 719 10.73 7.72 31.90
CA GLU A 719 9.76 8.65 32.48
C GLU A 719 8.35 8.06 32.45
N LEU A 720 7.98 7.43 31.34
CA LEU A 720 6.62 6.91 31.20
C LEU A 720 6.41 5.64 32.01
N TYR A 721 7.48 4.92 32.34
CA TYR A 721 7.38 3.57 32.87
C TYR A 721 7.53 3.55 34.38
N HIS A 722 6.55 2.98 35.07
CA HIS A 722 6.68 2.59 36.47
C HIS A 722 6.38 1.11 36.58
N GLU A 723 6.21 0.59 37.79
CA GLU A 723 5.89 -0.83 37.97
C GLU A 723 4.38 -0.98 38.11
N GLY A 724 3.76 -1.74 37.21
CA GLY A 724 2.37 -2.12 37.36
C GLY A 724 1.47 -2.07 36.13
N MET A 725 1.75 -1.28 35.09
CA MET A 725 0.80 -1.21 33.99
C MET A 725 0.89 -2.46 33.10
N PRO A 726 -0.21 -2.86 32.49
CA PRO A 726 -0.17 -3.98 31.54
C PRO A 726 0.62 -3.62 30.30
N LEU A 727 0.89 -4.65 29.49
CA LEU A 727 1.62 -4.44 28.25
C LEU A 727 0.87 -3.48 27.33
N SER A 728 -0.45 -3.68 27.19
CA SER A 728 -1.23 -2.85 26.28
C SER A 728 -1.27 -1.40 26.72
N ASP A 729 -1.37 -1.16 28.03
CA ASP A 729 -1.43 0.21 28.54
C ASP A 729 -0.14 0.96 28.23
N LEU A 730 1.01 0.32 28.47
CA LEU A 730 2.28 0.91 28.06
C LEU A 730 2.39 0.95 26.54
N MET A 731 1.80 -0.04 25.87
CA MET A 731 1.78 -0.03 24.41
C MET A 731 0.99 1.16 23.89
N LYS A 732 -0.13 1.47 24.52
CA LYS A 732 -0.85 2.71 24.19
C LYS A 732 -0.01 3.93 24.52
N GLN A 733 0.71 3.88 25.65
CA GLN A 733 1.58 4.99 26.03
C GLN A 733 2.69 5.20 25.01
N LEU A 734 3.32 4.11 24.55
CA LEU A 734 4.38 4.24 23.56
C LEU A 734 3.85 4.77 22.24
N GLN A 735 2.67 4.31 21.82
CA GLN A 735 2.05 4.83 20.61
C GLN A 735 1.60 6.27 20.79
N ARG A 736 1.24 6.66 22.02
CA ARG A 736 0.82 8.03 22.27
C ARG A 736 1.95 9.01 22.00
N ARG A 737 3.18 8.68 22.42
CA ARG A 737 4.31 9.55 22.18
C ARG A 737 4.65 9.63 20.69
N ILE A 738 4.41 8.56 19.94
CA ILE A 738 4.74 8.54 18.52
C ILE A 738 3.84 9.50 17.75
N SER A 739 2.52 9.42 18.02
CA SER A 739 1.58 10.24 17.26
C SER A 739 1.69 11.72 17.64
N GLU A 740 1.91 12.01 18.92
CA GLU A 740 1.98 13.41 19.36
C GLU A 740 3.21 14.11 18.78
N THR A 741 4.35 13.42 18.74
CA THR A 741 5.58 14.04 18.25
C THR A 741 5.59 14.18 16.73
N GLU A 742 4.96 13.24 16.01
CA GLU A 742 4.97 13.31 14.55
C GLU A 742 4.24 14.55 14.04
N ARG A 743 3.29 15.08 14.82
CA ARG A 743 2.57 16.28 14.42
C ARG A 743 3.40 17.55 14.57
N GLU A 744 4.51 17.48 15.31
CA GLU A 744 5.30 18.67 15.61
C GLU A 744 6.32 18.99 14.52
N SER A 745 7.08 18.00 14.07
CA SER A 745 8.11 18.22 13.07
C SER A 745 8.40 16.93 12.33
N ARG A 746 8.56 17.02 11.01
CA ARG A 746 8.90 15.85 10.22
C ARG A 746 10.31 15.35 10.54
N GLU A 747 11.24 16.27 10.78
CA GLU A 747 12.61 15.89 11.07
C GLU A 747 12.71 15.09 12.37
N LEU A 748 12.08 15.59 13.43
CA LEU A 748 12.16 14.91 14.72
C LEU A 748 11.23 13.71 14.80
N ALA A 749 10.28 13.58 13.87
CA ALA A 749 9.38 12.43 13.88
C ALA A 749 10.16 11.14 13.64
N GLN A 750 11.02 11.13 12.62
CA GLN A 750 11.82 9.94 12.33
C GLN A 750 12.81 9.65 13.46
N GLU A 751 13.44 10.69 14.00
CA GLU A 751 14.44 10.50 15.05
C GLU A 751 13.82 10.07 16.38
N LYS A 752 12.51 10.28 16.55
CA LYS A 752 11.83 9.84 17.76
C LYS A 752 10.92 8.65 17.55
N THR A 753 10.55 8.34 16.31
CA THR A 753 9.96 7.04 16.03
C THR A 753 11.00 5.93 16.02
N ASP A 754 12.27 6.28 15.79
CA ASP A 754 13.33 5.28 15.79
C ASP A 754 13.66 4.80 17.19
N TYR A 755 13.73 5.71 18.16
CA TYR A 755 14.05 5.31 19.53
C TYR A 755 12.92 4.49 20.13
N ALA A 756 11.66 4.77 19.74
CA ALA A 756 10.56 3.95 20.22
C ALA A 756 10.64 2.54 19.66
N GLN A 757 10.84 2.41 18.35
CA GLN A 757 10.90 1.09 17.73
C GLN A 757 12.16 0.33 18.10
N ARG A 758 13.26 1.05 18.37
CA ARG A 758 14.49 0.37 18.74
C ARG A 758 14.34 -0.36 20.07
N PHE A 759 13.69 0.28 21.05
CA PHE A 759 13.37 -0.40 22.29
C PHE A 759 12.40 -1.55 22.05
N ILE A 760 11.44 -1.34 21.14
CA ILE A 760 10.43 -2.35 20.85
C ILE A 760 11.08 -3.65 20.38
N LEU A 761 12.10 -3.54 19.53
CA LEU A 761 12.78 -4.73 19.03
C LEU A 761 13.57 -5.42 20.12
N ASP A 762 14.17 -4.65 21.04
CA ASP A 762 14.96 -5.25 22.11
C ASP A 762 14.10 -6.05 23.08
N ILE A 763 12.97 -5.49 23.48
CA ILE A 763 12.17 -6.11 24.54
C ILE A 763 11.59 -7.45 24.06
N PHE A 764 11.12 -7.50 22.82
CA PHE A 764 10.49 -8.73 22.32
C PHE A 764 11.51 -9.84 22.13
N ALA A 765 12.75 -9.50 21.76
CA ALA A 765 13.77 -10.52 21.55
C ALA A 765 14.10 -11.24 22.86
N GLU A 766 14.20 -10.50 23.96
CA GLU A 766 14.54 -11.09 25.25
C GLU A 766 13.46 -12.07 25.71
N ALA A 767 12.19 -11.68 25.59
CA ALA A 767 11.09 -12.55 25.99
C ALA A 767 11.02 -13.80 25.12
N PHE A 768 11.27 -13.64 23.81
CA PHE A 768 11.23 -14.78 22.91
C PHE A 768 12.29 -15.81 23.29
N ASN A 769 13.48 -15.36 23.67
CA ASN A 769 14.56 -16.27 24.03
C ASN A 769 14.22 -17.04 25.30
N ASP A 770 13.73 -16.34 26.32
CA ASP A 770 13.38 -16.98 27.59
C ASP A 770 12.24 -17.97 27.41
N PHE A 771 11.25 -17.62 26.59
CA PHE A 771 10.10 -18.48 26.36
C PHE A 771 10.51 -19.83 25.77
N LEU A 772 11.51 -19.84 24.89
CA LEU A 772 11.95 -21.08 24.27
C LEU A 772 12.57 -22.03 25.29
N GLU A 773 13.31 -21.49 26.27
CA GLU A 773 13.97 -22.34 27.25
C GLU A 773 12.95 -23.10 28.10
N ALA A 774 11.88 -22.44 28.50
CA ALA A 774 10.88 -23.05 29.39
C ALA A 774 9.98 -24.05 28.68
N HIS A 775 10.03 -24.14 27.36
CA HIS A 775 9.14 -25.02 26.62
C HIS A 775 9.84 -26.17 25.91
N TYR A 776 11.07 -25.99 25.44
CA TYR A 776 11.79 -27.06 24.75
C TYR A 776 13.00 -27.55 25.54
N GLY A 777 13.94 -26.65 25.84
CA GLY A 777 15.04 -27.00 26.72
C GLY A 777 16.08 -27.92 26.10
N GLU A 778 15.69 -29.17 25.87
CA GLU A 778 16.61 -30.19 25.41
C GLU A 778 16.69 -30.32 23.90
N GLU A 779 15.60 -30.02 23.19
CA GLU A 779 15.62 -30.06 21.73
C GLU A 779 16.38 -28.89 21.12
N TYR A 780 17.12 -28.13 21.92
CA TYR A 780 17.82 -26.95 21.44
C TYR A 780 18.81 -27.31 20.33
N LEU A 781 19.80 -28.14 20.66
CA LEU A 781 20.89 -28.39 19.72
C LEU A 781 20.42 -29.06 18.44
N GLU A 782 19.25 -29.71 18.45
CA GLU A 782 18.70 -30.25 17.22
C GLU A 782 18.15 -29.16 16.32
N ILE A 783 17.72 -28.03 16.91
CA ILE A 783 17.08 -26.97 16.14
C ILE A 783 18.07 -26.37 15.14
N MET A 784 19.26 -25.99 15.62
CA MET A 784 20.30 -25.45 14.74
C MET A 784 21.28 -26.52 14.28
N SER A 785 20.83 -27.76 14.12
CA SER A 785 21.62 -28.79 13.48
C SER A 785 20.93 -29.20 12.18
N PRO A 786 20.97 -28.35 11.15
CA PRO A 786 20.21 -28.61 9.92
C PRO A 786 20.88 -29.68 9.07
N ARG A 787 20.22 -30.82 8.92
CA ARG A 787 20.74 -31.96 8.17
C ARG A 787 19.89 -32.18 6.94
N LYS A 788 20.52 -32.12 5.76
CA LYS A 788 19.81 -32.42 4.52
C LYS A 788 19.42 -33.89 4.47
N ASP A 789 18.20 -34.17 4.01
CA ASP A 789 17.69 -35.54 4.00
C ASP A 789 16.65 -35.64 2.88
N ALA A 790 16.99 -36.39 1.83
CA ALA A 790 16.09 -36.53 0.70
C ALA A 790 14.87 -37.38 1.06
N GLU A 791 15.09 -38.51 1.74
CA GLU A 791 13.99 -39.43 1.99
C GLU A 791 13.01 -38.89 3.02
N ALA A 792 13.47 -37.95 3.86
CA ALA A 792 12.58 -37.38 4.87
C ALA A 792 11.46 -36.58 4.23
N ALA A 793 11.78 -35.81 3.18
CA ALA A 793 10.76 -35.00 2.53
C ALA A 793 9.69 -35.86 1.86
N LYS A 794 10.10 -36.96 1.21
CA LYS A 794 9.16 -37.76 0.43
C LYS A 794 8.08 -38.35 1.32
N LYS A 795 8.46 -38.89 2.48
CA LYS A 795 7.47 -39.51 3.35
C LYS A 795 6.52 -38.48 3.95
N TRP A 796 6.97 -37.25 4.15
CA TRP A 796 6.09 -36.23 4.70
C TRP A 796 5.03 -35.82 3.69
N VAL A 797 5.37 -35.84 2.40
CA VAL A 797 4.39 -35.52 1.37
C VAL A 797 3.26 -36.54 1.36
N LYS A 798 3.59 -37.82 1.47
CA LYS A 798 2.56 -38.86 1.50
C LYS A 798 1.77 -38.82 2.79
N GLU A 799 2.45 -39.01 3.92
CA GLU A 799 1.80 -38.99 5.24
C GLU A 799 1.80 -37.56 5.75
N SER A 800 0.63 -36.92 5.67
CA SER A 800 0.49 -35.51 6.03
C SER A 800 -0.90 -35.31 6.64
N LYS A 801 -1.33 -34.06 6.69
CA LYS A 801 -2.71 -33.67 7.05
C LYS A 801 -3.11 -34.15 8.45
N THR A 802 -2.12 -34.26 9.34
CA THR A 802 -2.37 -34.69 10.71
C THR A 802 -2.16 -33.59 11.75
N VAL A 803 -1.50 -32.49 11.39
CA VAL A 803 -1.26 -31.40 12.34
C VAL A 803 -2.52 -30.54 12.45
N ASP A 804 -2.84 -30.14 13.68
CA ASP A 804 -4.10 -29.47 13.98
C ASP A 804 -3.86 -28.03 14.45
N LEU A 805 -4.80 -27.16 14.12
CA LEU A 805 -4.82 -25.77 14.56
C LEU A 805 -6.09 -25.50 15.35
N LYS A 806 -6.07 -24.43 16.13
CA LYS A 806 -7.20 -24.04 16.98
C LYS A 806 -7.70 -22.67 16.57
N THR A 807 -8.99 -22.57 16.27
CA THR A 807 -9.63 -21.33 15.85
C THR A 807 -10.91 -21.12 16.64
N SER A 808 -11.34 -19.86 16.72
CA SER A 808 -12.61 -19.52 17.33
C SER A 808 -13.78 -19.56 16.37
N ILE A 809 -13.52 -19.83 15.08
CA ILE A 809 -14.58 -19.86 14.08
C ILE A 809 -15.44 -21.10 14.29
N ASP A 810 -16.76 -20.92 14.33
CA ASP A 810 -17.67 -22.04 14.48
C ASP A 810 -17.60 -22.95 13.26
N GLU A 811 -17.64 -24.26 13.50
CA GLU A 811 -17.46 -25.25 12.46
C GLU A 811 -18.75 -25.67 11.78
N LYS A 812 -19.90 -25.17 12.25
CA LYS A 812 -21.19 -25.59 11.71
C LYS A 812 -21.95 -24.47 11.01
N GLU A 813 -22.09 -23.31 11.66
CA GLU A 813 -22.90 -22.22 11.11
C GLU A 813 -22.05 -20.99 10.89
N PRO A 814 -21.61 -20.71 9.66
CA PRO A 814 -20.93 -19.44 9.39
C PRO A 814 -21.85 -18.26 9.66
N GLU A 815 -21.28 -17.20 10.21
CA GLU A 815 -22.08 -16.03 10.55
C GLU A 815 -22.47 -15.25 9.30
N GLY A 816 -23.60 -14.54 9.39
CA GLY A 816 -24.13 -13.87 8.21
C GLY A 816 -23.23 -12.77 7.69
N HIS A 817 -22.73 -11.92 8.58
CA HIS A 817 -21.88 -10.82 8.14
C HIS A 817 -20.54 -11.31 7.59
N LEU A 818 -19.96 -12.33 8.23
CA LEU A 818 -18.67 -12.84 7.79
C LEU A 818 -18.76 -13.54 6.44
N LEU A 819 -19.92 -14.12 6.13
CA LEU A 819 -20.07 -14.83 4.86
C LEU A 819 -20.06 -13.88 3.68
N VAL A 820 -20.48 -12.62 3.88
CA VAL A 820 -20.50 -11.66 2.79
C VAL A 820 -19.09 -11.31 2.35
N LEU A 821 -18.15 -11.25 3.29
CA LEU A 821 -16.79 -10.83 2.97
C LEU A 821 -16.05 -11.89 2.15
N TYR A 822 -16.48 -13.14 2.23
CA TYR A 822 -15.70 -14.24 1.64
C TYR A 822 -15.44 -14.08 0.14
N PRO A 823 -16.40 -13.72 -0.72
CA PRO A 823 -16.04 -13.51 -2.13
C PRO A 823 -15.00 -12.41 -2.33
N VAL A 824 -15.06 -11.35 -1.52
CA VAL A 824 -14.10 -10.25 -1.66
C VAL A 824 -12.71 -10.70 -1.24
N LEU A 825 -12.61 -11.38 -0.09
CA LEU A 825 -11.30 -11.79 0.41
C LEU A 825 -10.67 -12.85 -0.47
N ARG A 826 -11.48 -13.78 -0.99
CA ARG A 826 -10.95 -14.87 -1.79
C ARG A 826 -10.51 -14.43 -3.18
N LEU A 827 -10.88 -13.22 -3.61
CA LEU A 827 -10.53 -12.70 -4.93
C LEU A 827 -9.37 -11.72 -4.88
N LEU A 828 -8.63 -11.68 -3.78
CA LEU A 828 -7.50 -10.78 -3.61
C LEU A 828 -6.20 -11.57 -3.62
N ASP A 829 -5.11 -10.87 -3.91
CA ASP A 829 -3.78 -11.44 -3.86
C ASP A 829 -3.19 -11.27 -2.46
N GLU A 830 -2.04 -11.90 -2.24
CA GLU A 830 -1.43 -11.88 -0.91
C GLU A 830 -1.00 -10.48 -0.51
N ARG A 831 -0.58 -9.67 -1.47
CA ARG A 831 -0.19 -8.29 -1.16
C ARG A 831 -1.39 -7.46 -0.71
N GLU A 832 -2.55 -7.65 -1.37
CA GLU A 832 -3.73 -6.89 -0.99
C GLU A 832 -4.30 -7.40 0.34
N LEU A 833 -4.23 -8.71 0.57
CA LEU A 833 -4.77 -9.27 1.81
C LEU A 833 -4.05 -8.73 3.03
N GLY A 834 -2.73 -8.59 2.95
CA GLY A 834 -1.98 -8.05 4.07
C GLY A 834 -2.34 -6.62 4.39
N GLU A 835 -2.55 -5.80 3.34
CA GLU A 835 -2.88 -4.39 3.56
C GLU A 835 -4.22 -4.23 4.27
N LEU A 836 -5.22 -5.04 3.88
CA LEU A 836 -6.53 -4.94 4.51
C LEU A 836 -6.49 -5.46 5.94
N GLN A 837 -5.68 -6.49 6.20
CA GLN A 837 -5.59 -7.05 7.54
C GLN A 837 -4.98 -6.06 8.52
N GLN A 838 -3.97 -5.29 8.09
CA GLN A 838 -3.35 -4.32 8.97
C GLN A 838 -4.30 -3.19 9.33
N GLN A 839 -5.23 -2.86 8.43
CA GLN A 839 -6.19 -1.79 8.73
C GLN A 839 -7.14 -2.18 9.85
N MET A 840 -7.59 -3.44 9.85
CA MET A 840 -8.46 -3.90 10.92
C MET A 840 -7.73 -3.91 12.26
N ILE A 841 -6.43 -4.25 12.25
CA ILE A 841 -5.64 -4.19 13.47
C ILE A 841 -5.55 -2.76 13.98
N ARG A 842 -5.28 -1.81 13.07
CA ARG A 842 -5.21 -0.41 13.47
C ARG A 842 -6.59 0.12 13.86
N TYR A 843 -7.64 -0.32 13.17
CA TYR A 843 -9.00 0.12 13.50
C TYR A 843 -9.41 -0.38 14.88
N ARG A 844 -9.19 -1.67 15.15
CA ARG A 844 -9.56 -2.23 16.44
C ARG A 844 -8.74 -1.63 17.58
N THR A 845 -7.43 -1.46 17.36
CA THR A 845 -6.59 -0.90 18.42
C THR A 845 -7.00 0.52 18.76
N SER A 846 -7.32 1.33 17.75
CA SER A 846 -7.76 2.70 18.01
C SER A 846 -9.09 2.72 18.75
N LEU A 847 -9.97 1.77 18.45
CA LEU A 847 -11.25 1.70 19.14
C LEU A 847 -11.07 1.41 20.63
N ALA A 848 -10.10 0.55 20.97
CA ALA A 848 -9.90 0.18 22.37
C ALA A 848 -9.50 1.39 23.21
N SER A 849 -8.64 2.25 22.67
CA SER A 849 -8.19 3.42 23.43
C SER A 849 -9.34 4.40 23.68
N TRP A 850 -10.35 4.38 22.82
CA TRP A 850 -11.47 5.32 22.95
C TRP A 850 -12.37 4.92 24.11
N GLN A 851 -13.17 5.89 24.56
CA GLN A 851 -14.20 5.71 25.57
C GLN A 851 -15.48 6.39 25.13
N GLY A 852 -15.86 6.18 23.87
CA GLY A 852 -17.07 6.77 23.35
C GLY A 852 -18.31 6.20 24.01
N GLU A 853 -19.35 7.03 24.09
CA GLU A 853 -20.60 6.65 24.76
C GLU A 853 -21.51 5.84 23.84
N SER A 854 -20.97 4.76 23.28
CA SER A 854 -21.75 3.79 22.54
C SER A 854 -21.60 2.37 23.08
N ASN A 855 -20.66 2.14 24.00
CA ASN A 855 -20.41 0.87 24.67
C ASN A 855 -19.76 -0.15 23.74
N PHE A 856 -19.68 0.18 22.45
CA PHE A 856 -19.09 -0.69 21.43
C PHE A 856 -19.50 -2.15 21.63
N SER A 857 -18.57 -2.96 22.12
CA SER A 857 -18.74 -4.37 22.50
C SER A 857 -19.03 -5.26 21.29
N GLU A 858 -19.12 -4.71 20.10
CA GLU A 858 -19.29 -5.48 18.88
C GLU A 858 -18.28 -5.12 17.80
N GLU A 859 -17.91 -3.84 17.69
CA GLU A 859 -16.90 -3.43 16.73
C GLU A 859 -15.56 -4.10 17.04
N ILE A 860 -15.19 -4.15 18.32
CA ILE A 860 -13.96 -4.85 18.72
C ILE A 860 -14.08 -6.33 18.43
N ARG A 861 -15.22 -6.94 18.75
CA ARG A 861 -15.39 -8.38 18.56
C ARG A 861 -15.41 -8.73 17.07
N ILE A 862 -16.15 -7.97 16.27
CA ILE A 862 -16.27 -8.30 14.84
C ILE A 862 -14.94 -8.08 14.13
N ALA A 863 -14.20 -7.03 14.52
CA ALA A 863 -12.92 -6.76 13.87
C ALA A 863 -11.95 -7.92 14.08
N GLY A 864 -11.91 -8.48 15.28
CA GLY A 864 -11.08 -9.64 15.52
C GLY A 864 -11.50 -10.85 14.70
N GLN A 865 -12.80 -11.01 14.46
CA GLN A 865 -13.28 -12.10 13.62
C GLN A 865 -12.82 -11.92 12.18
N ILE A 866 -12.84 -10.69 11.68
CA ILE A 866 -12.44 -10.44 10.29
C ILE A 866 -10.95 -10.71 10.10
N GLU A 867 -10.13 -10.33 11.08
CA GLU A 867 -8.70 -10.61 10.99
C GLU A 867 -8.42 -12.11 10.97
N GLU A 868 -9.14 -12.87 11.79
CA GLU A 868 -8.96 -14.32 11.79
C GLU A 868 -9.40 -14.92 10.46
N LEU A 869 -10.48 -14.42 9.88
CA LEU A 869 -10.94 -14.91 8.59
C LEU A 869 -9.91 -14.63 7.50
N THR A 870 -9.23 -13.48 7.58
CA THR A 870 -8.19 -13.15 6.62
C THR A 870 -7.05 -14.17 6.67
N GLU A 871 -6.63 -14.56 7.87
CA GLU A 871 -5.56 -15.54 8.00
C GLU A 871 -5.99 -16.90 7.46
N LEU A 872 -7.25 -17.26 7.66
CA LEU A 872 -7.74 -18.55 7.16
C LEU A 872 -7.70 -18.60 5.63
N VAL A 873 -8.05 -17.48 4.98
CA VAL A 873 -8.04 -17.44 3.51
C VAL A 873 -6.62 -17.60 2.99
N LYS A 874 -5.66 -16.96 3.65
CA LYS A 874 -4.27 -17.02 3.18
C LYS A 874 -3.71 -18.43 3.25
N LEU A 875 -4.03 -19.17 4.32
CA LEU A 875 -3.46 -20.49 4.50
C LEU A 875 -4.07 -21.50 3.53
N THR A 876 -5.37 -21.39 3.27
CA THR A 876 -6.09 -22.33 2.43
C THR A 876 -6.04 -21.96 0.94
N GLU A 877 -5.03 -21.21 0.51
CA GLU A 877 -4.92 -20.85 -0.90
C GLU A 877 -4.79 -22.12 -1.75
N PRO A 878 -5.62 -22.30 -2.77
CA PRO A 878 -5.55 -23.53 -3.58
C PRO A 878 -4.21 -23.66 -4.29
N GLU A 879 -3.75 -24.90 -4.42
CA GLU A 879 -2.47 -25.14 -5.10
C GLU A 879 -2.57 -26.29 -6.10
N PRO A 880 -3.26 -26.06 -7.23
CA PRO A 880 -3.35 -27.07 -8.28
C PRO A 880 -2.10 -27.12 -9.14
N GLN A 881 -1.40 -28.25 -9.16
CA GLN A 881 -0.18 -28.36 -9.95
C GLN A 881 -0.49 -28.23 -11.44
N PHE A 882 -1.19 -29.21 -12.00
CA PHE A 882 -1.79 -29.14 -13.33
C PHE A 882 -2.64 -30.40 -13.51
N ALA A 883 -3.19 -30.57 -14.71
CA ALA A 883 -3.94 -31.76 -15.11
C ALA A 883 -3.45 -32.26 -16.46
N GLU A 884 -2.12 -32.33 -16.60
CA GLU A 884 -1.45 -32.78 -17.81
C GLU A 884 -1.75 -31.85 -18.99
N GLU A 885 -3.02 -31.78 -19.40
CA GLU A 885 -3.39 -30.89 -20.50
C GLU A 885 -3.22 -29.42 -20.14
N VAL A 886 -3.34 -29.10 -18.84
CA VAL A 886 -3.23 -27.71 -18.39
C VAL A 886 -1.88 -27.12 -18.79
N TRP A 887 -0.84 -27.94 -18.87
CA TRP A 887 0.44 -27.44 -19.37
C TRP A 887 0.33 -27.01 -20.82
N GLY A 888 -0.38 -27.79 -21.64
CA GLY A 888 -0.63 -27.42 -23.02
C GLY A 888 -1.82 -26.49 -23.18
N LYS A 889 -1.91 -25.50 -22.29
CA LYS A 889 -3.04 -24.61 -22.11
C LYS A 889 -2.54 -23.23 -21.70
N ARG A 890 -3.39 -22.45 -21.01
CA ARG A 890 -3.07 -21.11 -20.55
C ARG A 890 -1.60 -20.93 -20.16
N ALA A 891 -1.05 -21.92 -19.45
CA ALA A 891 0.37 -21.86 -19.10
C ALA A 891 1.25 -21.81 -20.34
N LYS A 892 0.93 -22.61 -21.36
CA LYS A 892 1.72 -22.59 -22.59
C LYS A 892 1.46 -21.33 -23.39
N GLU A 893 0.21 -20.94 -23.54
CA GLU A 893 -0.14 -19.75 -24.32
C GLU A 893 -0.16 -18.50 -23.42
N ALA A 894 0.90 -18.37 -22.64
CA ALA A 894 1.16 -17.15 -21.89
C ALA A 894 2.64 -16.80 -21.84
N PHE A 895 3.52 -17.72 -22.23
CA PHE A 895 4.96 -17.51 -22.14
C PHE A 895 5.71 -17.93 -23.39
N GLU A 896 5.04 -18.53 -24.38
CA GLU A 896 5.71 -18.91 -25.62
C GLU A 896 6.25 -17.71 -26.37
N ASP A 897 5.57 -16.57 -26.28
CA ASP A 897 6.02 -15.36 -26.97
C ASP A 897 7.18 -14.69 -26.25
N PHE A 898 7.47 -15.09 -25.02
CA PHE A 898 8.58 -14.52 -24.25
C PHE A 898 9.84 -15.37 -24.31
N ILE A 899 9.84 -16.47 -25.06
CA ILE A 899 10.95 -17.41 -25.09
C ILE A 899 11.40 -17.60 -26.53
N GLU A 900 12.70 -17.47 -26.76
CA GLU A 900 13.27 -17.66 -28.09
C GLU A 900 13.21 -19.14 -28.48
N GLY A 901 13.23 -19.39 -29.78
CA GLY A 901 13.25 -20.75 -30.29
C GLY A 901 11.95 -21.48 -29.98
N ASN A 902 12.06 -22.57 -29.22
CA ASN A 902 10.91 -23.40 -28.91
C ASN A 902 11.14 -24.05 -27.55
N MET A 903 10.04 -24.49 -26.93
CA MET A 903 10.13 -25.14 -25.63
C MET A 903 10.86 -26.48 -25.69
N LYS A 904 11.07 -27.02 -26.89
CA LYS A 904 11.88 -28.23 -27.02
C LYS A 904 13.30 -27.99 -26.51
N ASN A 905 13.86 -26.82 -26.82
CA ASN A 905 15.14 -26.42 -26.24
C ASN A 905 14.93 -26.00 -24.78
N TYR A 906 16.02 -25.58 -24.13
CA TYR A 906 16.01 -25.24 -22.70
C TYR A 906 15.49 -26.40 -21.86
N GLU A 907 15.66 -27.62 -22.36
CA GLU A 907 15.11 -28.79 -21.67
C GLU A 907 15.85 -29.07 -20.38
N ALA A 908 17.16 -28.80 -20.32
CA ALA A 908 17.93 -29.10 -19.13
C ALA A 908 17.52 -28.23 -17.95
N PHE A 909 17.21 -26.95 -18.20
CA PHE A 909 16.88 -26.04 -17.10
C PHE A 909 15.51 -26.35 -16.50
N TYR A 910 14.51 -26.64 -17.34
CA TYR A 910 13.15 -26.87 -16.87
C TYR A 910 12.91 -28.31 -16.43
N LEU A 911 13.90 -29.18 -16.52
CA LEU A 911 13.75 -30.56 -16.08
C LEU A 911 14.79 -30.91 -15.01
N GLN A 912 15.00 -29.99 -14.07
CA GLN A 912 15.94 -30.19 -12.98
C GLN A 912 15.24 -30.96 -11.86
N SER A 913 15.91 -31.11 -10.72
CA SER A 913 15.29 -31.75 -9.57
C SER A 913 14.08 -30.96 -9.11
N ASP A 914 13.05 -31.68 -8.65
CA ASP A 914 11.79 -31.03 -8.31
C ASP A 914 11.95 -30.05 -7.16
N ASN A 915 12.51 -30.53 -6.04
CA ASN A 915 12.64 -29.74 -4.81
C ASN A 915 11.35 -28.95 -4.54
N ASN A 916 11.47 -27.62 -4.46
CA ASN A 916 10.30 -26.76 -4.36
C ASN A 916 9.91 -26.12 -5.68
N THR A 917 10.68 -26.35 -6.75
CA THR A 917 10.42 -25.80 -8.07
C THR A 917 10.36 -26.91 -9.11
N PRO A 918 9.27 -27.68 -9.17
CA PRO A 918 9.20 -28.79 -10.14
C PRO A 918 8.98 -28.31 -11.57
N VAL A 919 8.69 -29.24 -12.47
CA VAL A 919 8.56 -28.98 -13.90
C VAL A 919 7.68 -27.76 -14.18
N TYR A 920 6.72 -27.49 -13.28
CA TYR A 920 5.96 -26.25 -13.34
C TYR A 920 6.59 -25.23 -12.40
N ARG A 921 6.92 -24.07 -12.95
CA ARG A 921 7.61 -23.03 -12.18
C ARG A 921 6.61 -22.33 -11.26
N ARG A 922 7.02 -22.10 -10.01
CA ARG A 922 6.16 -21.39 -9.07
C ARG A 922 5.91 -19.96 -9.54
N ASN A 923 6.94 -19.30 -10.07
CA ASN A 923 6.76 -17.97 -10.62
C ASN A 923 5.84 -18.01 -11.84
N MET A 924 5.99 -19.02 -12.70
CA MET A 924 5.18 -19.11 -13.91
C MET A 924 3.70 -19.26 -13.57
N SER A 925 3.39 -19.91 -12.45
CA SER A 925 1.99 -20.03 -12.04
C SER A 925 1.49 -18.72 -11.44
N ARG A 926 2.35 -17.98 -10.73
CA ARG A 926 1.95 -16.73 -10.11
C ARG A 926 1.68 -15.65 -11.15
N LEU A 927 2.42 -15.67 -12.26
CA LEU A 927 2.19 -14.69 -13.33
C LEU A 927 0.79 -14.84 -13.92
N LEU A 928 0.34 -16.08 -14.13
CA LEU A 928 -0.99 -16.30 -14.67
C LEU A 928 -2.07 -15.82 -13.71
N ARG A 929 -1.88 -16.07 -12.41
CA ARG A 929 -2.90 -15.72 -11.43
C ARG A 929 -3.09 -14.21 -11.33
N SER A 930 -2.03 -13.43 -11.53
CA SER A 930 -2.14 -11.97 -11.42
C SER A 930 -3.04 -11.40 -12.51
N GLY A 931 -3.23 -12.11 -13.62
CA GLY A 931 -4.09 -11.63 -14.67
C GLY A 931 -3.54 -10.51 -15.51
N LEU A 932 -2.21 -10.35 -15.53
CA LEU A 932 -1.57 -9.30 -16.32
C LEU A 932 -0.90 -9.83 -17.57
N MET A 933 -0.92 -11.14 -17.81
CA MET A 933 -0.26 -11.69 -18.99
C MET A 933 -0.91 -11.24 -20.30
N GLY A 934 -2.20 -10.91 -20.28
CA GLY A 934 -2.81 -10.36 -21.47
C GLY A 934 -2.23 -9.01 -21.85
N VAL A 935 -1.94 -8.18 -20.86
CA VAL A 935 -1.32 -6.88 -21.12
C VAL A 935 0.11 -7.06 -21.60
N TYR A 936 0.87 -7.95 -20.95
CA TYR A 936 2.29 -8.08 -21.26
C TYR A 936 2.52 -8.70 -22.64
N GLN A 937 1.56 -9.50 -23.13
CA GLN A 937 1.72 -10.08 -24.45
C GLN A 937 1.65 -9.03 -25.56
N LYS A 938 1.10 -7.85 -25.27
CA LYS A 938 1.02 -6.76 -26.23
C LYS A 938 2.07 -5.67 -25.98
N VAL A 939 2.33 -5.34 -24.72
CA VAL A 939 3.26 -4.28 -24.38
C VAL A 939 4.70 -4.75 -24.46
N LEU A 940 5.04 -5.82 -23.73
CA LEU A 940 6.39 -6.36 -23.70
C LEU A 940 6.61 -7.46 -24.73
N ALA A 941 5.88 -7.42 -25.84
CA ALA A 941 6.01 -8.46 -26.86
C ALA A 941 7.41 -8.50 -27.45
N SER A 942 8.00 -7.34 -27.72
CA SER A 942 9.34 -7.27 -28.30
C SER A 942 10.42 -7.25 -27.23
N HIS A 943 10.32 -8.18 -26.28
CA HIS A 943 11.34 -8.34 -25.23
C HIS A 943 11.35 -9.82 -24.84
N LYS A 944 12.29 -10.56 -25.41
CA LYS A 944 12.38 -11.99 -25.12
C LYS A 944 12.94 -12.20 -23.72
N GLN A 945 12.15 -12.83 -22.85
CA GLN A 945 12.61 -13.05 -21.48
C GLN A 945 13.63 -14.18 -21.41
N ALA A 946 13.43 -15.25 -22.17
CA ALA A 946 14.32 -16.39 -22.19
C ALA A 946 15.10 -16.38 -23.50
N LEU A 947 16.37 -16.01 -23.44
CA LEU A 947 17.24 -15.96 -24.60
C LEU A 947 18.23 -17.12 -24.58
N LYS A 948 18.88 -17.33 -25.72
CA LYS A 948 19.90 -18.37 -25.81
C LYS A 948 21.18 -17.94 -25.11
N ARG A 949 21.48 -16.64 -25.10
CA ARG A 949 22.70 -16.16 -24.45
C ARG A 949 22.68 -16.45 -22.95
N ASP A 950 21.53 -16.25 -22.30
CA ASP A 950 21.42 -16.56 -20.88
C ASP A 950 21.49 -18.07 -20.64
N TYR A 951 20.92 -18.85 -21.56
CA TYR A 951 20.95 -20.31 -21.40
C TYR A 951 22.36 -20.87 -21.56
N LEU A 952 23.13 -20.33 -22.51
CA LEU A 952 24.48 -20.83 -22.75
C LEU A 952 25.38 -20.59 -21.55
N LEU A 953 25.25 -19.42 -20.93
CA LEU A 953 26.07 -19.08 -19.77
C LEU A 953 25.79 -19.99 -18.59
N TRP A 954 24.54 -20.39 -18.38
CA TRP A 954 24.19 -21.23 -17.24
C TRP A 954 24.72 -22.65 -17.41
N SER A 955 24.32 -23.33 -18.48
CA SER A 955 24.70 -24.72 -18.67
C SER A 955 26.21 -24.88 -18.81
N GLU A 956 26.79 -24.30 -19.86
CA GLU A 956 28.24 -24.36 -20.08
C GLU A 956 28.88 -23.35 -19.14
N LYS A 957 29.13 -23.78 -17.90
CA LYS A 957 29.59 -22.83 -16.88
C LYS A 957 31.06 -22.48 -17.11
N HIS A 958 31.96 -23.44 -16.89
CA HIS A 958 33.35 -23.41 -17.32
C HIS A 958 34.01 -22.02 -17.34
N TRP A 959 33.99 -21.30 -16.22
CA TRP A 959 34.70 -20.04 -16.16
C TRP A 959 36.21 -20.24 -16.15
N ASN A 960 36.92 -19.27 -16.73
CA ASN A 960 38.38 -19.27 -16.69
C ASN A 960 38.92 -18.93 -15.31
N VAL A 961 38.06 -18.47 -14.39
CA VAL A 961 38.51 -18.02 -13.09
C VAL A 961 39.13 -19.18 -12.31
N LYS A 962 40.14 -18.86 -11.51
CA LYS A 962 40.80 -19.81 -10.61
C LYS A 962 40.64 -19.34 -9.17
N ASP A 963 40.90 -20.24 -8.24
CA ASP A 963 40.81 -19.94 -6.82
C ASP A 963 42.13 -19.35 -6.34
N GLU A 964 42.23 -19.13 -5.02
CA GLU A 964 43.47 -18.61 -4.45
C GLU A 964 44.63 -19.59 -4.59
N ASN A 965 44.35 -20.88 -4.75
CA ASN A 965 45.38 -21.89 -4.93
C ASN A 965 45.60 -22.28 -6.38
N GLY A 966 44.96 -21.59 -7.32
CA GLY A 966 45.13 -21.88 -8.73
C GLY A 966 44.22 -22.95 -9.30
N ALA A 967 43.30 -23.49 -8.50
CA ALA A 967 42.38 -24.50 -8.98
C ALA A 967 41.16 -23.85 -9.63
N ASP A 968 40.67 -24.46 -10.70
CA ASP A 968 39.55 -23.91 -11.44
C ASP A 968 38.24 -24.13 -10.68
N ILE A 969 37.30 -23.21 -10.88
CA ILE A 969 35.96 -23.34 -10.32
C ILE A 969 35.02 -23.76 -11.44
N SER A 970 34.24 -24.82 -11.21
CA SER A 970 33.32 -25.34 -12.20
C SER A 970 31.87 -25.38 -11.72
N SER A 971 31.59 -24.93 -10.51
CA SER A 971 30.23 -24.89 -9.99
C SER A 971 30.02 -23.60 -9.23
N ALA A 972 28.76 -23.17 -9.16
CA ALA A 972 28.42 -21.97 -8.40
C ALA A 972 28.58 -22.19 -6.90
N GLU A 973 28.41 -23.42 -6.44
CA GLU A 973 28.56 -23.72 -5.02
C GLU A 973 29.98 -23.45 -4.55
N GLN A 974 30.98 -23.88 -5.35
CA GLN A 974 32.36 -23.61 -4.99
C GLN A 974 32.66 -22.11 -5.01
N ALA A 975 32.17 -21.40 -6.02
CA ALA A 975 32.40 -19.96 -6.10
C ALA A 975 31.76 -19.23 -4.93
N GLN A 976 30.53 -19.63 -4.56
CA GLN A 976 29.88 -19.02 -3.40
C GLN A 976 30.68 -19.29 -2.13
N CYS A 977 31.17 -20.52 -1.96
CA CYS A 977 32.08 -20.81 -0.86
C CYS A 977 33.37 -20.00 -0.99
N LEU A 978 33.90 -19.89 -2.22
CA LEU A 978 35.08 -19.07 -2.45
C LEU A 978 34.79 -17.60 -2.16
N LEU A 979 33.62 -17.11 -2.58
CA LEU A 979 33.26 -15.72 -2.31
C LEU A 979 33.11 -15.47 -0.81
N GLN A 980 32.47 -16.40 -0.10
CA GLN A 980 32.33 -16.24 1.35
C GLN A 980 33.65 -16.44 2.08
N ARG A 981 34.55 -17.26 1.51
CA ARG A 981 35.84 -17.46 2.14
C ARG A 981 36.65 -16.17 2.18
N LEU A 982 36.66 -15.41 1.08
CA LEU A 982 37.31 -14.12 1.08
C LEU A 982 36.57 -13.11 1.95
N HIS A 983 35.26 -13.27 2.11
CA HIS A 983 34.49 -12.37 2.96
C HIS A 983 34.93 -12.46 4.41
N ARG A 984 35.18 -13.67 4.90
CA ARG A 984 35.61 -13.87 6.28
C ARG A 984 37.12 -13.71 6.40
N CYS A 998 42.25 -8.88 -4.43
CA CYS A 998 42.39 -7.74 -5.32
C CYS A 998 41.49 -7.90 -6.54
N LYS A 999 42.11 -8.03 -7.71
CA LYS A 999 41.34 -8.22 -8.94
C LYS A 999 40.96 -9.68 -9.16
N LEU A 1000 41.57 -10.61 -8.42
CA LEU A 1000 41.21 -12.02 -8.58
C LEU A 1000 39.76 -12.26 -8.18
N TYR A 1001 39.31 -11.63 -7.09
CA TYR A 1001 37.92 -11.76 -6.67
C TYR A 1001 37.02 -10.72 -7.34
N GLU A 1002 37.59 -9.84 -8.17
CA GLU A 1002 36.76 -8.99 -9.01
C GLU A 1002 35.92 -9.81 -9.99
N LYS A 1003 36.56 -10.77 -10.68
CA LYS A 1003 35.83 -11.59 -11.63
C LYS A 1003 35.06 -12.72 -10.94
N VAL A 1004 35.43 -13.06 -9.70
CA VAL A 1004 34.72 -14.11 -8.98
C VAL A 1004 33.28 -13.68 -8.71
N LEU A 1005 33.11 -12.48 -8.14
CA LEU A 1005 31.77 -12.00 -7.85
C LEU A 1005 31.07 -11.50 -9.11
N ARG A 1006 31.82 -10.99 -10.09
CA ARG A 1006 31.21 -10.57 -11.35
C ARG A 1006 30.64 -11.75 -12.11
N ARG A 1007 31.35 -12.88 -12.12
CA ARG A 1007 30.85 -14.08 -12.78
C ARG A 1007 29.59 -14.60 -12.10
N LEU A 1008 29.58 -14.60 -10.76
CA LEU A 1008 28.39 -15.04 -10.03
C LEU A 1008 27.20 -14.12 -10.30
N GLU A 1009 27.44 -12.80 -10.29
CA GLU A 1009 26.36 -11.86 -10.59
C GLU A 1009 25.84 -12.04 -12.01
N ASP A 1010 26.76 -12.25 -12.96
CA ASP A 1010 26.32 -12.52 -14.33
C ASP A 1010 25.61 -13.87 -14.41
N TYR A 1011 26.02 -14.83 -13.57
CA TYR A 1011 25.32 -16.12 -13.51
C TYR A 1011 23.92 -15.95 -12.95
N ASN A 1012 23.77 -15.13 -11.91
CA ASN A 1012 22.46 -14.96 -11.29
C ASN A 1012 21.46 -14.31 -12.24
N GLN A 1013 21.91 -13.35 -13.06
CA GLN A 1013 21.01 -12.69 -14.00
C GLN A 1013 20.48 -13.69 -15.03
N ALA A 1014 21.32 -14.64 -15.46
CA ALA A 1014 20.87 -15.65 -16.41
C ALA A 1014 19.81 -16.56 -15.79
N VAL A 1015 20.02 -16.98 -14.54
CA VAL A 1015 19.07 -17.88 -13.91
C VAL A 1015 17.77 -17.15 -13.59
N LYS A 1016 17.85 -15.85 -13.30
CA LYS A 1016 16.63 -15.10 -12.99
C LYS A 1016 15.81 -14.83 -14.24
N ASN A 1017 16.49 -14.62 -15.37
CA ASN A 1017 15.78 -14.40 -16.63
C ASN A 1017 15.13 -15.68 -17.12
N LEU A 1018 15.81 -16.81 -17.00
CA LEU A 1018 15.27 -18.07 -17.51
C LEU A 1018 14.13 -18.58 -16.63
N SER A 1019 14.22 -18.38 -15.31
CA SER A 1019 13.19 -18.85 -14.39
C SER A 1019 12.03 -17.88 -14.26
N PHE A 1020 11.98 -16.83 -15.06
CA PHE A 1020 10.91 -15.83 -15.05
C PHE A 1020 10.79 -15.13 -13.71
N SER A 1021 11.86 -15.11 -12.90
CA SER A 1021 11.85 -14.37 -11.66
C SER A 1021 12.05 -12.87 -11.88
N SER A 1022 12.61 -12.49 -13.04
CA SER A 1022 12.72 -11.07 -13.36
C SER A 1022 11.38 -10.49 -13.80
N LEU A 1023 10.61 -11.26 -14.58
CA LEU A 1023 9.30 -10.81 -15.01
C LEU A 1023 8.33 -10.70 -13.84
N TYR A 1024 8.42 -11.62 -12.87
CA TYR A 1024 7.56 -11.54 -11.70
C TYR A 1024 7.88 -10.32 -10.85
N GLU A 1025 9.13 -9.86 -10.85
CA GLU A 1025 9.49 -8.67 -10.09
C GLU A 1025 8.77 -7.45 -10.64
N ILE A 1026 8.64 -7.35 -11.97
CA ILE A 1026 7.91 -6.25 -12.58
C ILE A 1026 6.42 -6.39 -12.29
N CYS A 1027 5.90 -7.61 -12.34
CA CYS A 1027 4.47 -7.82 -12.08
C CYS A 1027 4.09 -7.36 -10.69
N VAL A 1028 4.92 -7.69 -9.69
CA VAL A 1028 4.71 -7.15 -8.35
C VAL A 1028 4.90 -5.63 -8.36
N LEU A 1029 5.90 -5.15 -9.11
CA LEU A 1029 6.13 -3.71 -9.22
C LEU A 1029 4.95 -3.01 -9.87
N ASN A 1030 4.38 -3.62 -10.92
CA ASN A 1030 3.26 -3.00 -11.62
C ASN A 1030 2.02 -2.91 -10.74
N LEU A 1031 1.74 -3.96 -9.96
CA LEU A 1031 0.55 -3.95 -9.12
C LEU A 1031 0.69 -2.98 -7.94
N GLU A 1032 1.92 -2.69 -7.52
CA GLU A 1032 2.12 -1.70 -6.47
C GLU A 1032 1.81 -0.29 -6.96
N ILE A 1033 2.11 -0.01 -8.23
CA ILE A 1033 1.79 1.30 -8.80
C ILE A 1033 0.29 1.47 -8.93
N LEU A 1034 -0.39 0.44 -9.46
CA LEU A 1034 -1.83 0.53 -9.66
C LEU A 1034 -2.58 0.68 -8.34
N SER A 1035 -2.15 -0.05 -7.31
CA SER A 1035 -2.84 0.02 -6.03
C SER A 1035 -2.73 1.41 -5.42
N ARG A 1036 -1.58 2.06 -5.56
CA ARG A 1036 -1.42 3.41 -5.04
C ARG A 1036 -2.36 4.39 -5.74
N TRP A 1037 -2.50 4.26 -7.06
CA TRP A 1037 -3.36 5.18 -7.79
C TRP A 1037 -4.83 5.00 -7.42
N VAL A 1038 -5.25 3.75 -7.15
CA VAL A 1038 -6.60 3.52 -6.67
C VAL A 1038 -6.83 4.19 -5.33
N GLY A 1039 -5.81 4.15 -4.46
CA GLY A 1039 -5.91 4.84 -3.18
C GLY A 1039 -6.05 6.34 -3.32
N PHE A 1040 -5.40 6.92 -4.32
CA PHE A 1040 -5.53 8.36 -4.58
C PHE A 1040 -6.95 8.71 -5.00
N VAL A 1041 -7.58 7.85 -5.81
CA VAL A 1041 -8.95 8.10 -6.26
C VAL A 1041 -9.91 8.10 -5.08
N GLN A 1042 -9.73 7.16 -4.15
CA GLN A 1042 -10.60 7.10 -2.98
C GLN A 1042 -10.50 8.36 -2.14
N ASP A 1043 -9.28 8.91 -2.02
CA ASP A 1043 -9.11 10.16 -1.27
C ASP A 1043 -9.82 11.32 -1.98
N TRP A 1044 -9.73 11.37 -3.30
CA TRP A 1044 -10.38 12.46 -4.05
C TRP A 1044 -11.90 12.35 -3.98
N GLU A 1045 -12.44 11.14 -4.12
CA GLU A 1045 -13.89 10.97 -4.17
C GLU A 1045 -14.54 11.36 -2.85
N ARG A 1046 -13.92 10.99 -1.72
CA ARG A 1046 -14.49 11.33 -0.43
C ARG A 1046 -14.33 12.81 -0.11
N ASP A 1047 -13.29 13.45 -0.66
CA ASP A 1047 -13.10 14.88 -0.41
C ASP A 1047 -14.14 15.72 -1.16
N MET A 1048 -14.43 15.35 -2.40
CA MET A 1048 -15.43 16.09 -3.17
C MET A 1048 -16.82 15.91 -2.59
N TYR A 1049 -17.10 14.76 -1.97
CA TYR A 1049 -18.40 14.55 -1.33
C TYR A 1049 -18.62 15.55 -0.19
N PHE A 1050 -17.59 15.75 0.63
CA PHE A 1050 -17.70 16.69 1.74
C PHE A 1050 -17.66 18.14 1.28
N LEU A 1051 -16.96 18.42 0.18
CA LEU A 1051 -16.89 19.78 -0.34
C LEU A 1051 -18.25 20.25 -0.84
N LEU A 1052 -18.91 19.43 -1.65
CA LEU A 1052 -20.23 19.77 -2.14
C LEU A 1052 -21.26 19.82 -1.03
N LEU A 1053 -21.09 18.98 0.00
CA LEU A 1053 -22.05 18.97 1.11
C LEU A 1053 -22.05 20.30 1.85
N ALA A 1054 -20.87 20.84 2.12
CA ALA A 1054 -20.79 22.14 2.79
C ALA A 1054 -21.26 23.27 1.89
N TRP A 1055 -21.05 23.15 0.58
CA TRP A 1055 -21.53 24.18 -0.35
C TRP A 1055 -23.04 24.24 -0.37
N VAL A 1056 -23.72 23.09 -0.29
CA VAL A 1056 -25.17 23.08 -0.24
C VAL A 1056 -25.67 23.77 1.02
N ARG A 1057 -25.05 23.49 2.16
CA ARG A 1057 -25.36 24.24 3.36
C ARG A 1057 -24.90 25.69 3.22
N GLN A 1058 -25.37 26.52 4.16
CA GLN A 1058 -25.15 27.96 4.20
C GLN A 1058 -25.34 28.62 2.84
N GLY A 1059 -26.23 28.07 2.02
CA GLY A 1059 -26.62 28.64 0.75
C GLY A 1059 -25.51 29.15 -0.14
N LYS A 1060 -24.62 28.26 -0.60
CA LYS A 1060 -23.55 28.64 -1.51
C LYS A 1060 -23.75 28.10 -2.91
N LEU A 1061 -24.40 26.95 -3.03
CA LEU A 1061 -24.70 26.40 -4.35
C LEU A 1061 -26.13 26.76 -4.71
N ASP A 1062 -26.46 26.74 -5.99
CA ASP A 1062 -27.79 27.15 -6.42
C ASP A 1062 -28.54 26.04 -7.14
N GLY A 1063 -29.77 25.76 -6.69
CA GLY A 1063 -30.57 24.75 -7.34
C GLY A 1063 -30.22 23.33 -6.94
N ILE A 1064 -29.30 23.18 -6.00
CA ILE A 1064 -28.90 21.85 -5.55
C ILE A 1064 -29.35 21.60 -4.12
N LYS A 1065 -30.40 20.80 -3.96
CA LYS A 1065 -30.89 20.47 -2.63
C LYS A 1065 -29.98 19.44 -1.99
N GLU A 1066 -30.19 19.18 -0.70
CA GLU A 1066 -29.31 18.24 0.00
C GLU A 1066 -29.33 16.88 -0.67
N GLU A 1067 -30.50 16.42 -1.11
CA GLU A 1067 -30.65 15.07 -1.62
C GLU A 1067 -29.84 14.82 -2.89
N ASP A 1068 -29.72 15.84 -3.76
CA ASP A 1068 -29.08 15.62 -5.05
C ASP A 1068 -27.60 15.25 -4.89
N VAL A 1069 -26.93 15.80 -3.88
CA VAL A 1069 -25.52 15.49 -3.68
C VAL A 1069 -25.35 14.01 -3.38
N ARG A 1070 -26.20 13.45 -2.53
CA ARG A 1070 -26.10 12.03 -2.19
C ARG A 1070 -26.38 11.15 -3.41
N ASP A 1071 -27.18 11.62 -4.36
CA ASP A 1071 -27.44 10.83 -5.56
C ASP A 1071 -26.24 10.78 -6.49
N ILE A 1072 -25.40 11.83 -6.48
CA ILE A 1072 -24.24 11.86 -7.35
C ILE A 1072 -23.22 10.80 -6.95
N PHE A 1073 -22.94 10.69 -5.64
CA PHE A 1073 -21.87 9.84 -5.14
C PHE A 1073 -22.34 8.45 -4.73
N SER A 1074 -23.63 8.15 -4.84
CA SER A 1074 -24.13 6.85 -4.40
C SER A 1074 -25.08 6.22 -5.40
N GLU A 1075 -24.85 6.46 -6.70
CA GLU A 1075 -25.63 5.82 -7.75
C GLU A 1075 -24.79 5.11 -8.80
N GLY A 1076 -23.62 5.62 -9.14
CA GLY A 1076 -22.78 5.02 -10.15
C GLY A 1076 -22.37 6.05 -11.21
N ASN A 1077 -21.13 5.92 -11.69
CA ASN A 1077 -20.55 6.83 -12.67
C ASN A 1077 -20.59 8.27 -12.15
N ILE A 1078 -19.82 8.48 -11.07
CA ILE A 1078 -19.83 9.76 -10.36
C ILE A 1078 -19.49 10.90 -11.31
N ILE A 1079 -18.58 10.66 -12.27
CA ILE A 1079 -18.19 11.70 -13.21
C ILE A 1079 -19.38 12.15 -14.04
N ARG A 1080 -20.19 11.21 -14.52
CA ARG A 1080 -21.34 11.56 -15.35
C ARG A 1080 -22.36 12.38 -14.57
N ASN A 1081 -22.72 11.93 -13.38
CA ASN A 1081 -23.72 12.63 -12.59
C ASN A 1081 -23.23 14.01 -12.15
N LEU A 1082 -21.95 14.12 -11.79
CA LEU A 1082 -21.40 15.39 -11.34
C LEU A 1082 -21.49 16.45 -12.44
N VAL A 1083 -21.19 16.05 -13.68
CA VAL A 1083 -21.29 16.99 -14.80
C VAL A 1083 -22.73 17.41 -15.03
N ASP A 1084 -23.65 16.44 -14.96
CA ASP A 1084 -25.06 16.73 -15.25
C ASP A 1084 -25.69 17.59 -14.16
N THR A 1085 -25.44 17.26 -12.89
CA THR A 1085 -26.10 17.96 -11.80
C THR A 1085 -25.62 19.39 -11.70
N LEU A 1086 -24.30 19.60 -11.70
CA LEU A 1086 -23.73 20.94 -11.57
C LEU A 1086 -23.77 21.62 -12.92
N LYS A 1087 -24.50 22.73 -13.01
CA LYS A 1087 -24.70 23.44 -14.25
C LYS A 1087 -24.43 24.93 -14.07
N GLY A 1088 -23.90 25.56 -15.13
CA GLY A 1088 -23.67 26.98 -15.15
C GLY A 1088 -22.74 27.49 -14.07
N GLU A 1089 -23.31 28.23 -13.10
CA GLU A 1089 -22.50 28.81 -12.03
C GLU A 1089 -21.85 27.72 -11.18
N ASN A 1090 -22.61 26.66 -10.88
CA ASN A 1090 -22.09 25.61 -9.99
C ASN A 1090 -20.89 24.90 -10.60
N MET A 1091 -20.96 24.59 -11.90
CA MET A 1091 -19.85 23.93 -12.56
C MET A 1091 -18.61 24.81 -12.58
N ASN A 1092 -18.79 26.11 -12.84
CA ASN A 1092 -17.66 27.04 -12.82
C ASN A 1092 -17.09 27.17 -11.40
N ALA A 1093 -17.97 27.22 -10.39
CA ALA A 1093 -17.51 27.30 -9.01
C ALA A 1093 -16.78 26.04 -8.60
N PHE A 1094 -17.26 24.88 -9.04
CA PHE A 1094 -16.62 23.62 -8.65
C PHE A 1094 -15.26 23.46 -9.33
N GLU A 1095 -15.10 24.00 -10.53
CA GLU A 1095 -13.86 23.88 -11.27
C GLU A 1095 -12.81 24.91 -10.87
N SER A 1096 -13.13 25.79 -9.92
CA SER A 1096 -12.20 26.85 -9.53
C SER A 1096 -11.15 26.37 -8.54
N VAL A 1097 -11.18 25.10 -8.15
CA VAL A 1097 -10.23 24.57 -7.16
C VAL A 1097 -9.04 23.87 -7.79
N TYR A 1098 -9.14 23.42 -9.04
CA TYR A 1098 -8.08 22.64 -9.66
C TYR A 1098 -7.10 23.54 -10.39
N PHE A 1099 -6.10 22.93 -11.03
CA PHE A 1099 -5.01 23.66 -11.67
C PHE A 1099 -5.18 23.70 -13.17
N PRO A 1100 -5.13 24.88 -13.79
CA PRO A 1100 -5.21 24.98 -15.25
C PRO A 1100 -3.86 24.82 -15.93
N GLU A 1101 -2.88 24.24 -15.21
CA GLU A 1101 -1.50 24.16 -15.65
C GLU A 1101 -1.36 23.85 -17.14
N ASN A 1102 -2.08 22.85 -17.64
CA ASN A 1102 -2.11 22.55 -19.07
C ASN A 1102 -3.54 22.31 -19.53
N LYS A 1103 -4.51 22.90 -18.81
CA LYS A 1103 -5.94 22.76 -19.12
C LYS A 1103 -6.36 21.31 -19.30
N GLY A 1104 -6.56 20.89 -20.53
CA GLY A 1104 -7.07 19.54 -20.81
C GLY A 1104 -8.57 19.41 -20.66
N SER A 1105 -9.13 19.94 -19.58
CA SER A 1105 -10.57 19.94 -19.33
C SER A 1105 -11.18 18.54 -19.31
N LYS A 1106 -10.33 17.51 -19.20
CA LYS A 1106 -10.82 16.13 -19.17
C LYS A 1106 -10.11 15.28 -18.12
N TYR A 1107 -9.28 15.88 -17.26
CA TYR A 1107 -8.58 15.12 -16.23
C TYR A 1107 -9.52 14.53 -15.19
N LEU A 1108 -10.76 15.02 -15.09
CA LEU A 1108 -11.75 14.41 -14.21
C LEU A 1108 -12.16 13.02 -14.68
N GLY A 1109 -11.93 12.70 -15.95
CA GLY A 1109 -12.23 11.39 -16.50
C GLY A 1109 -11.20 10.33 -16.21
N VAL A 1110 -10.08 10.69 -15.56
CA VAL A 1110 -9.09 9.69 -15.20
C VAL A 1110 -9.53 8.85 -14.00
N ARG A 1111 -10.50 9.35 -13.23
CA ARG A 1111 -11.00 8.56 -12.09
C ARG A 1111 -11.63 7.26 -12.56
N ASN A 1112 -12.40 7.31 -13.66
CA ASN A 1112 -12.98 6.09 -14.20
C ASN A 1112 -11.90 5.14 -14.70
N ASP A 1113 -10.83 5.69 -15.30
CA ASP A 1113 -9.75 4.86 -15.81
C ASP A 1113 -9.02 4.15 -14.67
N VAL A 1114 -8.91 4.81 -13.52
CA VAL A 1114 -8.19 4.22 -12.39
C VAL A 1114 -9.11 3.32 -11.57
N ALA A 1115 -10.33 3.79 -11.28
CA ALA A 1115 -11.25 3.00 -10.46
C ALA A 1115 -11.64 1.69 -11.13
N HIS A 1116 -11.89 1.75 -12.45
CA HIS A 1116 -12.26 0.54 -13.19
C HIS A 1116 -11.06 -0.34 -13.50
N LEU A 1117 -9.83 0.13 -13.22
CA LEU A 1117 -8.61 -0.60 -13.50
C LEU A 1117 -8.52 -0.98 -14.98
N ASP A 1118 -8.49 0.05 -15.83
CA ASP A 1118 -8.39 -0.17 -17.26
C ASP A 1118 -6.99 -0.61 -17.67
N LEU A 1119 -5.97 -0.35 -16.85
CA LEU A 1119 -4.61 -0.75 -17.19
C LEU A 1119 -4.39 -2.25 -17.08
N MET A 1120 -5.34 -3.00 -16.53
CA MET A 1120 -5.25 -4.45 -16.43
C MET A 1120 -5.85 -5.16 -17.63
N ARG A 1121 -5.94 -4.48 -18.78
CA ARG A 1121 -6.55 -5.05 -19.97
C ARG A 1121 -5.78 -4.60 -21.20
N LYS A 1122 -5.93 -5.37 -22.28
CA LYS A 1122 -5.29 -5.01 -23.54
C LYS A 1122 -5.83 -3.70 -24.09
N ASN A 1123 -7.14 -3.50 -23.99
CA ASN A 1123 -7.76 -2.30 -24.56
C ASN A 1123 -7.34 -1.05 -23.81
N GLY A 1124 -7.13 -1.16 -22.49
CA GLY A 1124 -6.79 0.02 -21.71
C GLY A 1124 -5.43 0.60 -22.04
N TRP A 1125 -4.54 -0.21 -22.61
CA TRP A 1125 -3.21 0.26 -22.99
C TRP A 1125 -3.22 0.80 -24.42
N ARG A 1126 -4.05 1.83 -24.63
CA ARG A 1126 -4.17 2.50 -25.92
C ARG A 1126 -4.26 3.99 -25.70
N LEU A 1127 -3.89 4.76 -26.72
CA LEU A 1127 -3.90 6.21 -26.66
C LEU A 1127 -4.80 6.76 -27.77
N GLU A 1128 -4.80 8.09 -27.89
CA GLU A 1128 -5.52 8.80 -28.93
C GLU A 1128 -4.53 9.41 -29.92
N ALA A 1129 -5.07 9.99 -30.99
CA ALA A 1129 -4.21 10.55 -32.03
C ALA A 1129 -3.43 11.75 -31.52
N GLY A 1130 -4.07 12.62 -30.73
CA GLY A 1130 -3.40 13.82 -30.27
C GLY A 1130 -2.27 13.53 -29.30
N LYS A 1131 -2.43 12.53 -28.44
CA LYS A 1131 -1.47 12.28 -27.38
C LYS A 1131 -0.12 11.83 -27.94
N THR A 1132 0.95 12.22 -27.26
CA THR A 1132 2.31 11.84 -27.61
C THR A 1132 3.07 11.17 -26.47
N CYS A 1133 2.81 11.58 -25.23
CA CYS A 1133 3.47 10.97 -24.08
C CYS A 1133 2.97 9.54 -23.89
N SER A 1134 3.80 8.74 -23.22
CA SER A 1134 3.50 7.33 -23.03
C SER A 1134 2.29 7.15 -22.11
N VAL A 1135 1.78 5.91 -22.07
CA VAL A 1135 0.58 5.61 -21.29
C VAL A 1135 0.82 5.88 -19.82
N MET A 1136 1.95 5.41 -19.28
CA MET A 1136 2.28 5.69 -17.89
C MET A 1136 2.52 7.17 -17.67
N GLU A 1137 3.16 7.84 -18.63
CA GLU A 1137 3.32 9.29 -18.55
C GLU A 1137 1.97 9.99 -18.69
N ASP A 1138 1.02 9.39 -19.41
CA ASP A 1138 -0.27 10.01 -19.61
C ASP A 1138 -1.09 10.02 -18.32
N TYR A 1139 -1.09 8.89 -17.59
CA TYR A 1139 -1.87 8.80 -16.35
C TYR A 1139 -1.31 9.74 -15.29
N ILE A 1140 0.01 9.88 -15.21
CA ILE A 1140 0.62 10.71 -14.17
C ILE A 1140 0.18 12.16 -14.31
N ASN A 1141 0.16 12.68 -15.54
CA ASN A 1141 -0.22 14.07 -15.76
C ASN A 1141 -1.67 14.32 -15.36
N ARG A 1142 -2.59 13.43 -15.77
CA ARG A 1142 -3.99 13.59 -15.39
C ARG A 1142 -4.19 13.40 -13.89
N LEU A 1143 -3.49 12.43 -13.30
CA LEU A 1143 -3.64 12.20 -11.86
C LEU A 1143 -3.15 13.40 -11.05
N ARG A 1144 -2.05 14.02 -11.49
CA ARG A 1144 -1.56 15.21 -10.81
C ARG A 1144 -2.57 16.36 -10.94
N PHE A 1145 -3.18 16.50 -12.12
CA PHE A 1145 -4.21 17.52 -12.29
C PHE A 1145 -5.45 17.20 -11.47
N LEU A 1146 -5.81 15.92 -11.38
CA LEU A 1146 -6.99 15.53 -10.61
C LEU A 1146 -6.82 15.87 -9.13
N LEU A 1147 -5.64 15.60 -8.58
CA LEU A 1147 -5.35 15.87 -7.18
C LEU A 1147 -4.84 17.29 -6.95
N SER A 1148 -5.03 18.19 -7.91
CA SER A 1148 -4.54 19.56 -7.79
C SER A 1148 -5.46 20.46 -6.98
N TYR A 1149 -6.61 19.95 -6.53
CA TYR A 1149 -7.50 20.78 -5.70
C TYR A 1149 -6.82 21.16 -4.40
N ASP A 1150 -5.86 20.35 -3.94
CA ASP A 1150 -5.03 20.67 -2.79
C ASP A 1150 -3.58 20.29 -3.09
N GLN A 1151 -2.65 20.91 -2.37
CA GLN A 1151 -1.24 20.63 -2.56
C GLN A 1151 -0.86 19.36 -1.77
N LYS A 1152 0.44 19.12 -1.64
CA LYS A 1152 0.96 17.91 -1.00
C LYS A 1152 0.54 16.67 -1.78
N ARG A 1153 -0.77 16.38 -1.78
CA ARG A 1153 -1.28 15.24 -2.55
C ARG A 1153 -0.98 15.40 -4.04
N MET A 1154 -0.97 16.62 -4.54
CA MET A 1154 -0.67 16.85 -5.95
C MET A 1154 0.76 16.46 -6.27
N ASN A 1155 1.71 16.82 -5.40
CA ASN A 1155 3.11 16.49 -5.61
C ASN A 1155 3.51 15.16 -4.99
N ALA A 1156 2.56 14.44 -4.39
CA ALA A 1156 2.85 13.11 -3.87
C ALA A 1156 2.70 12.02 -4.92
N VAL A 1157 2.22 12.36 -6.11
CA VAL A 1157 2.08 11.37 -7.18
C VAL A 1157 3.46 10.84 -7.60
N THR A 1158 4.43 11.74 -7.74
CA THR A 1158 5.77 11.34 -8.13
C THR A 1158 6.64 10.97 -6.93
N LYS A 1159 6.28 11.41 -5.73
CA LYS A 1159 7.08 11.08 -4.55
C LYS A 1159 6.91 9.62 -4.18
N THR A 1160 5.66 9.13 -4.17
CA THR A 1160 5.42 7.73 -3.87
C THR A 1160 5.91 6.82 -4.99
N LEU A 1161 5.87 7.29 -6.25
CA LEU A 1161 6.39 6.51 -7.36
C LEU A 1161 7.88 6.26 -7.20
N GLN A 1162 8.62 7.27 -6.74
CA GLN A 1162 10.05 7.09 -6.50
C GLN A 1162 10.30 6.15 -5.32
N GLN A 1163 9.46 6.23 -4.29
CA GLN A 1163 9.60 5.34 -3.14
C GLN A 1163 9.39 3.89 -3.53
N ILE A 1164 8.39 3.63 -4.38
CA ILE A 1164 8.11 2.27 -4.80
C ILE A 1164 9.28 1.71 -5.62
N PHE A 1165 9.82 2.52 -6.53
CA PHE A 1165 10.97 2.07 -7.31
C PHE A 1165 12.20 1.90 -6.43
N ASP A 1166 12.33 2.73 -5.39
CA ASP A 1166 13.45 2.60 -4.47
C ASP A 1166 13.40 1.24 -3.77
N ARG A 1167 12.20 0.80 -3.38
CA ARG A 1167 12.05 -0.48 -2.71
C ARG A 1167 12.60 -1.63 -3.53
N HIS A 1168 12.54 -1.54 -4.87
CA HIS A 1168 13.07 -2.56 -5.76
C HIS A 1168 14.51 -2.28 -6.18
N LYS A 1169 15.18 -1.34 -5.52
CA LYS A 1169 16.57 -0.98 -5.83
C LYS A 1169 16.71 -0.49 -7.27
N VAL A 1170 15.73 0.29 -7.72
CA VAL A 1170 15.76 0.94 -9.02
C VAL A 1170 15.51 2.42 -8.82
N LYS A 1171 16.00 3.23 -9.76
CA LYS A 1171 15.88 4.68 -9.69
C LYS A 1171 15.21 5.21 -10.95
N ILE A 1172 14.30 6.16 -10.77
CA ILE A 1172 13.58 6.79 -11.88
C ILE A 1172 13.74 8.30 -11.76
N ARG A 1173 13.75 8.99 -12.90
CA ARG A 1173 13.93 10.43 -12.93
C ARG A 1173 12.89 11.05 -13.85
N PHE A 1174 12.35 12.19 -13.44
CA PHE A 1174 11.35 12.92 -14.20
C PHE A 1174 11.88 14.29 -14.56
N THR A 1175 11.50 14.78 -15.75
CA THR A 1175 11.88 16.10 -16.23
C THR A 1175 10.63 16.93 -16.47
N VAL A 1176 10.71 18.21 -16.14
CA VAL A 1176 9.60 19.14 -16.28
C VAL A 1176 9.64 19.73 -17.69
N GLU A 1177 8.59 19.49 -18.46
CA GLU A 1177 8.48 20.01 -19.81
C GLU A 1177 7.74 21.35 -19.78
N LYS A 1178 7.39 21.87 -20.95
CA LYS A 1178 6.62 23.11 -21.01
C LYS A 1178 5.17 22.85 -20.64
N GLY A 1179 4.60 23.77 -19.88
CA GLY A 1179 3.23 23.62 -19.42
C GLY A 1179 3.05 22.74 -18.20
N GLY A 1180 4.14 22.34 -17.55
CA GLY A 1180 4.06 21.53 -16.35
C GLY A 1180 3.98 20.03 -16.57
N MET A 1181 3.94 19.58 -17.83
CA MET A 1181 3.90 18.15 -18.09
C MET A 1181 5.21 17.49 -17.70
N LEU A 1182 5.10 16.32 -17.06
CA LEU A 1182 6.25 15.55 -16.63
C LEU A 1182 6.49 14.38 -17.58
N LYS A 1183 7.75 14.18 -17.95
CA LYS A 1183 8.13 13.12 -18.89
C LYS A 1183 9.22 12.26 -18.26
N ILE A 1184 9.12 10.95 -18.45
CA ILE A 1184 10.10 10.03 -17.90
C ILE A 1184 11.37 10.10 -18.74
N GLU A 1185 12.49 10.39 -18.09
CA GLU A 1185 13.76 10.50 -18.80
C GLU A 1185 14.44 9.15 -18.96
N ASP A 1186 14.73 8.49 -17.84
CA ASP A 1186 15.37 7.18 -17.87
C ASP A 1186 15.12 6.48 -16.54
N VAL A 1187 15.24 5.14 -16.57
CA VAL A 1187 15.13 4.32 -15.38
C VAL A 1187 16.48 3.60 -15.21
N THR A 1188 17.29 4.10 -14.30
CA THR A 1188 18.62 3.54 -14.08
C THR A 1188 18.63 2.66 -12.82
N ALA A 1189 19.42 1.60 -12.89
CA ALA A 1189 19.54 0.68 -11.76
C ALA A 1189 20.39 1.31 -10.65
N ASP A 1190 20.28 0.76 -9.46
CA ASP A 1190 21.04 1.25 -8.32
C ASP A 1190 22.46 0.70 -8.38
N LYS A 1191 23.26 0.97 -7.35
CA LYS A 1191 24.65 0.52 -7.28
C LYS A 1191 24.89 -0.05 -5.89
N ILE A 1192 24.70 -1.37 -5.75
CA ILE A 1192 25.02 -2.04 -4.49
C ILE A 1192 26.53 -2.20 -4.41
N VAL A 1193 27.08 -2.02 -3.21
CA VAL A 1193 28.52 -1.98 -3.00
C VAL A 1193 28.91 -3.14 -2.08
N HIS A 1194 29.93 -3.88 -2.47
CA HIS A 1194 30.45 -4.93 -1.59
C HIS A 1194 31.84 -4.49 -1.18
N LEU A 1195 32.32 -4.98 -0.04
CA LEU A 1195 33.63 -4.57 0.45
C LEU A 1195 33.71 -3.05 0.54
N LYS A 1196 32.67 -2.44 1.11
CA LYS A 1196 32.63 -0.99 1.20
C LYS A 1196 33.59 -0.42 2.22
N GLY A 1197 34.24 0.70 1.89
CA GLY A 1197 35.14 1.36 2.81
C GLY A 1197 36.40 0.56 3.14
N SER A 1198 36.28 -0.76 3.19
CA SER A 1198 37.42 -1.59 3.59
C SER A 1198 38.48 -1.62 2.50
N ARG A 1199 39.70 -1.24 2.87
CA ARG A 1199 40.86 -1.24 1.97
C ARG A 1199 40.59 -0.46 0.69
N LEU A 1200 40.33 -1.17 -0.40
CA LEU A 1200 40.10 -0.53 -1.69
C LEU A 1200 38.71 0.11 -1.72
N SER A 1201 38.50 1.00 -2.68
CA SER A 1201 37.20 1.60 -2.87
C SER A 1201 36.16 0.53 -3.16
N GLY A 1202 34.96 0.72 -2.61
CA GLY A 1202 33.91 -0.28 -2.69
C GLY A 1202 33.54 -0.70 -4.10
N ILE A 1203 33.43 -2.02 -4.30
CA ILE A 1203 33.13 -2.55 -5.62
C ILE A 1203 31.69 -2.22 -5.97
N GLU A 1204 31.50 -1.49 -7.06
CA GLU A 1204 30.17 -1.09 -7.51
C GLU A 1204 29.67 -2.05 -8.58
N ILE A 1205 28.52 -2.67 -8.33
CA ILE A 1205 27.89 -3.56 -9.30
C ILE A 1205 26.40 -3.22 -9.31
N PRO A 1206 25.73 -3.26 -10.46
CA PRO A 1206 24.28 -2.98 -10.48
C PRO A 1206 23.50 -4.01 -9.68
N SER A 1207 22.43 -3.54 -9.03
CA SER A 1207 21.56 -4.45 -8.28
C SER A 1207 20.69 -5.29 -9.19
N HIS A 1208 20.64 -4.98 -10.48
CA HIS A 1208 19.83 -5.72 -11.43
C HIS A 1208 20.55 -5.80 -12.77
N GLY A 1209 20.18 -6.81 -13.55
CA GLY A 1209 20.84 -7.06 -14.82
C GLY A 1209 20.43 -6.09 -15.91
N GLU A 1210 21.00 -6.32 -17.10
CA GLU A 1210 20.71 -5.46 -18.23
C GLU A 1210 19.31 -5.71 -18.78
N ARG A 1211 18.87 -6.97 -18.78
CA ARG A 1211 17.57 -7.30 -19.35
C ARG A 1211 16.44 -6.76 -18.47
N PHE A 1212 16.59 -6.84 -17.15
CA PHE A 1212 15.53 -6.40 -16.25
C PHE A 1212 15.28 -4.89 -16.40
N ILE A 1213 16.35 -4.11 -16.49
CA ILE A 1213 16.19 -2.66 -16.65
C ILE A 1213 15.58 -2.35 -18.01
N ASP A 1214 16.03 -3.04 -19.06
CA ASP A 1214 15.54 -2.75 -20.40
C ASP A 1214 14.06 -3.09 -20.55
N THR A 1215 13.63 -4.24 -20.03
CA THR A 1215 12.24 -4.63 -20.19
C THR A 1215 11.34 -3.85 -19.24
N LEU A 1216 11.88 -3.38 -18.11
CA LEU A 1216 11.11 -2.50 -17.23
C LEU A 1216 10.93 -1.13 -17.87
N LYS A 1217 11.95 -0.67 -18.62
CA LYS A 1217 11.84 0.62 -19.29
C LYS A 1217 10.71 0.62 -20.31
N ALA A 1218 10.58 -0.45 -21.09
CA ALA A 1218 9.56 -0.51 -22.13
C ALA A 1218 8.15 -0.44 -21.53
N LEU A 1219 7.95 -1.02 -20.36
CA LEU A 1219 6.63 -0.95 -19.72
C LEU A 1219 6.28 0.47 -19.33
N MET A 1220 7.24 1.21 -18.76
CA MET A 1220 6.99 2.59 -18.36
C MET A 1220 6.73 3.48 -19.55
N VAL A 1221 7.48 3.32 -20.63
CA VAL A 1221 7.23 4.11 -21.84
C VAL A 1221 6.76 3.23 -22.98
N TYR A 1222 5.53 2.73 -22.88
CA TYR A 1222 5.03 1.80 -23.90
C TYR A 1222 4.86 2.44 -25.28
N PRO A 1223 4.02 3.48 -25.39
CA PRO A 1223 3.79 4.01 -26.74
C PRO A 1223 5.06 4.62 -27.29
N ARG A 1224 5.75 5.42 -26.48
CA ARG A 1224 6.98 6.07 -26.90
C ARG A 1224 7.56 6.89 -25.76
N GLY A 1225 8.57 7.69 -26.04
CA GLY A 1225 9.18 8.50 -25.01
C GLY A 1225 8.17 9.22 -24.14
#